data_8QJ3
#
_entry.id   8QJ3
#
_cell.length_a   114.757
_cell.length_b   114.757
_cell.length_c   278.565
_cell.angle_alpha   90.00
_cell.angle_beta   90.00
_cell.angle_gamma   120.00
#
_symmetry.space_group_name_H-M   'H 3'
#
loop_
_entity.id
_entity.type
_entity.pdbx_description
1 polymer 'Ammonium transporter'
2 non-polymer 'CHLORIDE ION'
3 non-polymer DODECYL-BETA-D-MALTOSIDE
4 water water
#
_entity_poly.entity_id   1
_entity_poly.type   'polypeptide(L)'
_entity_poly.pdbx_seq_one_letter_code
;MSESFLLNLWILLCACLVLIMQAGFTCFESGNVRNKNSVNVALKNVSDFCVCAVCYWAFGYALMYGNSIDGIVGANGFFY
STTTNSHETSFFLFQLMFCCTSATIISGAVAERMRFTGYILVTLLAASLIYPLFGHWAWGGRILGSETSTPGWLEQLGFI
DFAGATVVHSVGGWMALACVLIIGPRLGRFNNKHGVNQIFGDNLPLTALGTFLLFLGWFGFNGGSYGKIDDMLSSVFVNT
ALGGTFGGFVVLLICIWQQSLLSIRFVLNGVLAGLVAITASANSISSIDAATIGGISGALSFFATILLEKCKIDDVVSVV
PVHLIGGIWGTLALAIFADGQYFIAGNSRVDQFLIQLLGVVTCGIFAFGLPYMLIRLLNRVYPLRVSPRVEILGLNFGEF
GLKSETFNFLKQMRKNKNSHKNKQAVSVDFFSDIGLIEAEYNAFLEVINLQQRQADINSHRLSRLAKTDHLTRLNNRLGF
DECYDSEWLRMRREKKPFSLLLIDIDHFKLYNDHYGHPRGDQCLQQVALVLASTAKRPADCCARVGGEEFAILLPDTDSE
AGEKIANDINIRLKALEIPHLSSPIMPYVTVSIGIATLTPERYDSLDQAYLYQCADDALYSAKQAGRNGVKAVIIDEAHE
QTKK
;
_entity_poly.pdbx_strand_id   A,B
#
loop_
_chem_comp.id
_chem_comp.type
_chem_comp.name
_chem_comp.formula
CL non-polymer 'CHLORIDE ION' 'Cl -1'
LMT D-saccharide DODECYL-BETA-D-MALTOSIDE 'C24 H46 O11'
#
# COMPACT_ATOMS: atom_id res chain seq x y z
N SER A 2 -11.03 34.11 -2.36
CA SER A 2 -10.27 32.91 -1.89
C SER A 2 -11.02 31.65 -2.30
N GLU A 3 -10.29 30.64 -2.79
CA GLU A 3 -10.87 29.49 -3.46
C GLU A 3 -11.64 28.63 -2.45
N SER A 4 -11.08 28.57 -1.23
CA SER A 4 -11.49 27.63 -0.20
C SER A 4 -12.90 27.96 0.32
N PHE A 5 -13.50 29.08 -0.15
CA PHE A 5 -14.80 29.49 0.40
C PHE A 5 -15.88 28.52 -0.04
N LEU A 6 -15.95 28.18 -1.33
CA LEU A 6 -17.10 27.41 -1.78
C LEU A 6 -17.13 26.09 -1.00
N LEU A 7 -15.98 25.39 -0.89
CA LEU A 7 -16.01 24.06 -0.27
C LEU A 7 -16.42 24.21 1.19
N ASN A 8 -15.87 25.22 1.91
CA ASN A 8 -16.27 25.40 3.29
C ASN A 8 -17.78 25.60 3.39
N LEU A 9 -18.37 26.48 2.55
CA LEU A 9 -19.81 26.74 2.66
C LEU A 9 -20.58 25.45 2.42
N TRP A 10 -20.11 24.62 1.48
CA TRP A 10 -20.74 23.36 1.15
C TRP A 10 -20.76 22.42 2.36
N ILE A 11 -19.60 22.24 2.97
CA ILE A 11 -19.46 21.40 4.15
C ILE A 11 -20.41 21.90 5.28
N LEU A 12 -20.44 23.22 5.54
CA LEU A 12 -21.26 23.75 6.61
C LEU A 12 -22.74 23.45 6.36
N LEU A 13 -23.19 23.61 5.11
CA LEU A 13 -24.57 23.33 4.76
C LEU A 13 -24.85 21.84 4.87
N CYS A 14 -23.91 21.00 4.46
CA CYS A 14 -24.04 19.54 4.57
C CYS A 14 -24.12 19.12 6.04
N ALA A 15 -23.41 19.84 6.91
CA ALA A 15 -23.39 19.54 8.33
C ALA A 15 -24.79 19.86 8.91
N CYS A 16 -25.36 20.98 8.45
CA CYS A 16 -26.71 21.36 8.79
C CYS A 16 -27.70 20.25 8.39
N LEU A 17 -27.57 19.73 7.20
CA LEU A 17 -28.43 18.63 6.79
C LEU A 17 -28.23 17.40 7.69
N VAL A 18 -26.99 17.08 8.05
CA VAL A 18 -26.74 15.97 8.95
C VAL A 18 -27.48 16.18 10.28
N LEU A 19 -27.48 17.41 10.77
CA LEU A 19 -28.18 17.66 12.02
C LEU A 19 -29.68 17.41 11.91
N ILE A 20 -30.32 17.69 10.77
CA ILE A 20 -31.73 17.32 10.64
C ILE A 20 -31.98 15.83 10.78
N MET A 21 -30.96 14.96 10.60
CA MET A 21 -31.13 13.54 10.86
C MET A 21 -31.43 13.28 12.32
N GLN A 22 -30.96 14.14 13.20
CA GLN A 22 -31.27 14.03 14.61
C GLN A 22 -32.77 14.21 14.87
N ALA A 23 -33.35 15.20 14.22
CA ALA A 23 -34.79 15.41 14.28
C ALA A 23 -35.48 14.16 13.75
N GLY A 24 -34.96 13.65 12.63
CA GLY A 24 -35.50 12.47 11.97
C GLY A 24 -35.48 11.24 12.86
N PHE A 25 -34.36 10.97 13.55
CA PHE A 25 -34.30 9.85 14.47
C PHE A 25 -35.31 10.01 15.61
N THR A 26 -35.42 11.23 16.17
CA THR A 26 -36.33 11.50 17.27
C THR A 26 -37.76 11.11 16.88
N CYS A 27 -38.21 11.56 15.72
CA CYS A 27 -39.55 11.28 15.19
C CYS A 27 -39.74 9.80 14.89
N PHE A 28 -38.76 9.20 14.24
CA PHE A 28 -38.82 7.80 13.84
C PHE A 28 -38.98 6.90 15.07
N GLU A 29 -38.16 7.12 16.07
CA GLU A 29 -38.27 6.32 17.28
C GLU A 29 -39.54 6.63 18.06
N SER A 30 -39.84 7.94 18.22
CA SER A 30 -40.93 8.29 19.13
C SER A 30 -42.25 7.78 18.60
N GLY A 31 -42.44 7.75 17.29
CA GLY A 31 -43.63 7.17 16.74
C GLY A 31 -43.74 5.64 16.80
N ASN A 32 -42.62 4.95 17.02
CA ASN A 32 -42.61 3.51 17.08
C ASN A 32 -42.77 3.04 18.52
N VAL A 33 -42.97 3.97 19.46
CA VAL A 33 -43.13 3.57 20.84
C VAL A 33 -44.52 3.98 21.34
N ARG A 34 -44.92 3.35 22.45
CA ARG A 34 -46.20 3.62 23.06
C ARG A 34 -46.18 4.98 23.77
N ASN A 35 -47.35 5.61 23.83
CA ASN A 35 -47.52 6.91 24.46
C ASN A 35 -46.92 6.97 25.88
N LYS A 36 -47.01 5.87 26.66
CA LYS A 36 -46.56 5.91 28.05
C LYS A 36 -45.04 6.04 28.11
N ASN A 37 -44.35 5.83 26.99
CA ASN A 37 -42.90 5.92 26.90
C ASN A 37 -42.39 7.11 26.06
N SER A 38 -43.34 7.98 25.61
CA SER A 38 -43.11 8.96 24.53
C SER A 38 -42.06 10.01 24.95
N VAL A 39 -42.11 10.43 26.20
N VAL A 39 -42.12 10.47 26.20
CA VAL A 39 -41.23 11.49 26.65
CA VAL A 39 -41.22 11.50 26.66
C VAL A 39 -39.78 11.01 26.79
C VAL A 39 -39.77 11.00 26.75
N ASN A 40 -39.61 9.73 27.13
CA ASN A 40 -38.29 9.18 27.39
C ASN A 40 -37.44 9.26 26.14
N VAL A 41 -38.09 9.03 25.02
CA VAL A 41 -37.34 8.90 23.80
C VAL A 41 -36.80 10.25 23.39
N ALA A 42 -37.57 11.26 23.66
CA ALA A 42 -37.19 12.61 23.42
C ALA A 42 -36.05 13.11 24.31
N LEU A 43 -36.19 12.81 25.62
CA LEU A 43 -35.15 13.22 26.54
C LEU A 43 -33.82 12.57 26.17
N LYS A 44 -33.82 11.30 25.84
CA LYS A 44 -32.63 10.56 25.51
C LYS A 44 -32.00 11.12 24.21
N ASN A 45 -32.83 11.43 23.19
CA ASN A 45 -32.30 11.91 21.92
C ASN A 45 -31.56 13.23 22.05
N VAL A 46 -32.10 14.18 22.82
CA VAL A 46 -31.42 15.45 22.96
C VAL A 46 -30.19 15.30 23.89
N SER A 47 -30.40 14.58 24.99
CA SER A 47 -29.32 14.34 25.96
C SER A 47 -28.09 13.66 25.33
N ASP A 48 -28.32 12.61 24.50
N ASP A 48 -28.28 12.57 24.62
CA ASP A 48 -27.34 11.77 23.78
CA ASP A 48 -27.17 11.88 24.03
C ASP A 48 -26.52 12.60 22.81
C ASP A 48 -26.44 12.82 23.06
N PHE A 49 -27.19 13.56 22.22
CA PHE A 49 -26.61 14.47 21.27
C PHE A 49 -25.60 15.36 22.00
N CYS A 50 -26.06 16.00 23.07
CA CYS A 50 -25.21 16.92 23.76
C CYS A 50 -23.97 16.19 24.32
N VAL A 51 -24.17 15.04 24.94
CA VAL A 51 -23.05 14.26 25.47
C VAL A 51 -22.00 13.90 24.39
N CYS A 52 -22.49 13.40 23.27
N CYS A 52 -22.45 13.34 23.25
CA CYS A 52 -21.66 13.00 22.17
CA CYS A 52 -21.57 13.00 22.14
C CYS A 52 -20.85 14.18 21.61
C CYS A 52 -20.80 14.22 21.65
N ALA A 53 -21.52 15.32 21.39
CA ALA A 53 -20.87 16.52 20.92
C ALA A 53 -19.74 16.93 21.88
N VAL A 54 -20.04 16.98 23.19
CA VAL A 54 -19.06 17.39 24.20
C VAL A 54 -17.83 16.48 24.12
N CYS A 55 -18.06 15.16 24.09
CA CYS A 55 -16.98 14.18 24.00
C CYS A 55 -16.17 14.37 22.72
N TYR A 56 -16.86 14.53 21.58
CA TYR A 56 -16.14 14.58 20.31
C TYR A 56 -15.27 15.85 20.25
N TRP A 57 -15.83 16.95 20.73
CA TRP A 57 -15.08 18.18 20.77
C TRP A 57 -13.87 18.04 21.71
N ALA A 58 -14.12 17.55 22.93
CA ALA A 58 -13.09 17.50 23.96
C ALA A 58 -11.96 16.58 23.55
N PHE A 59 -12.27 15.38 23.01
CA PHE A 59 -11.17 14.47 22.70
C PHE A 59 -11.48 13.48 21.58
N GLY A 60 -12.76 13.26 21.25
CA GLY A 60 -13.03 12.22 20.25
C GLY A 60 -12.41 12.54 18.88
N TYR A 61 -12.44 13.81 18.47
CA TYR A 61 -11.86 14.22 17.21
C TYR A 61 -10.33 13.92 17.23
N ALA A 62 -9.70 14.23 18.37
CA ALA A 62 -8.26 13.98 18.54
C ALA A 62 -7.94 12.50 18.38
N LEU A 63 -8.74 11.64 19.01
CA LEU A 63 -8.49 10.22 18.95
C LEU A 63 -8.68 9.71 17.53
N MET A 64 -9.67 10.30 16.81
CA MET A 64 -10.04 9.79 15.51
C MET A 64 -9.14 10.33 14.40
N TYR A 65 -8.81 11.62 14.47
CA TYR A 65 -8.14 12.25 13.34
C TYR A 65 -6.77 12.81 13.70
N GLY A 66 -6.35 12.73 14.96
CA GLY A 66 -5.04 13.26 15.36
C GLY A 66 -3.91 12.38 14.82
N ASN A 67 -2.69 12.92 14.82
CA ASN A 67 -1.52 12.15 14.42
C ASN A 67 -1.39 10.92 15.31
N SER A 68 -1.18 9.79 14.63
CA SER A 68 -1.38 8.43 15.10
C SER A 68 -0.19 8.00 15.96
N ILE A 69 -0.47 7.74 17.25
CA ILE A 69 0.49 7.21 18.19
C ILE A 69 0.30 5.70 18.26
N ASP A 70 1.20 4.99 17.58
CA ASP A 70 1.22 3.53 17.46
C ASP A 70 0.25 3.07 16.36
N GLY A 71 -0.60 3.95 15.80
CA GLY A 71 -1.57 3.50 14.80
C GLY A 71 -2.93 3.10 15.39
N ILE A 72 -3.01 2.98 16.72
CA ILE A 72 -4.23 2.61 17.44
C ILE A 72 -5.18 3.81 17.44
N VAL A 73 -4.63 4.98 17.80
CA VAL A 73 -5.39 6.13 18.25
C VAL A 73 -4.61 7.43 17.97
N GLY A 74 -5.35 8.49 17.59
CA GLY A 74 -4.77 9.81 17.33
C GLY A 74 -4.52 10.53 18.66
N ALA A 75 -3.64 11.54 18.68
CA ALA A 75 -3.21 12.09 19.97
C ALA A 75 -3.02 13.61 19.94
N ASN A 76 -3.75 14.29 19.04
CA ASN A 76 -3.78 15.74 19.05
C ASN A 76 -5.07 16.26 18.41
N GLY A 77 -5.44 17.49 18.78
CA GLY A 77 -6.69 18.11 18.36
C GLY A 77 -7.73 18.17 19.50
N PHE A 78 -7.26 18.07 20.76
CA PHE A 78 -8.13 18.09 21.91
C PHE A 78 -8.74 19.47 22.04
N PHE A 79 -9.99 19.57 22.50
CA PHE A 79 -10.67 20.85 22.66
C PHE A 79 -10.54 21.72 21.42
N TYR A 80 -10.92 21.16 20.27
CA TYR A 80 -10.61 21.70 18.95
C TYR A 80 -10.93 23.19 18.92
N SER A 81 -9.96 24.01 18.47
N SER A 81 -9.97 24.00 18.42
CA SER A 81 -10.21 25.43 18.34
CA SER A 81 -10.03 25.45 18.58
C SER A 81 -9.59 25.97 17.05
C SER A 81 -9.55 26.22 17.34
N THR A 82 -8.26 26.09 17.02
CA THR A 82 -7.64 26.83 15.91
C THR A 82 -6.87 25.86 15.03
N THR A 83 -6.64 26.31 13.81
CA THR A 83 -5.96 25.51 12.81
C THR A 83 -5.28 26.45 11.83
N THR A 84 -4.29 25.92 11.12
CA THR A 84 -3.72 26.57 9.94
C THR A 84 -4.31 25.97 8.66
N ASN A 85 -5.18 24.96 8.80
CA ASN A 85 -5.84 24.34 7.65
C ASN A 85 -7.21 24.99 7.50
N SER A 86 -7.41 25.69 6.38
CA SER A 86 -8.58 26.53 6.25
C SER A 86 -9.86 25.71 5.99
N HIS A 87 -9.76 24.39 5.85
CA HIS A 87 -10.93 23.51 5.73
C HIS A 87 -11.18 22.71 7.00
N GLU A 88 -10.32 22.85 8.00
CA GLU A 88 -10.39 21.90 9.08
C GLU A 88 -11.58 22.17 10.00
N THR A 89 -11.96 23.43 10.21
CA THR A 89 -13.01 23.73 11.15
C THR A 89 -14.37 23.23 10.63
N SER A 90 -14.65 23.48 9.35
CA SER A 90 -15.85 22.96 8.74
C SER A 90 -15.86 21.45 8.88
N PHE A 91 -14.72 20.84 8.61
CA PHE A 91 -14.61 19.39 8.62
C PHE A 91 -14.90 18.87 10.04
N PHE A 92 -14.32 19.51 11.04
CA PHE A 92 -14.52 19.10 12.43
C PHE A 92 -16.02 19.10 12.75
N LEU A 93 -16.73 20.18 12.41
CA LEU A 93 -18.14 20.26 12.69
C LEU A 93 -18.90 19.12 12.01
N PHE A 94 -18.60 18.85 10.74
CA PHE A 94 -19.29 17.80 10.00
C PHE A 94 -19.03 16.45 10.67
N GLN A 95 -17.75 16.20 11.04
CA GLN A 95 -17.36 14.95 11.68
C GLN A 95 -17.96 14.80 13.08
N LEU A 96 -18.13 15.90 13.77
CA LEU A 96 -18.83 15.87 15.04
C LEU A 96 -20.27 15.37 14.81
N MET A 97 -20.95 15.87 13.77
CA MET A 97 -22.32 15.44 13.47
C MET A 97 -22.37 13.96 13.12
N PHE A 98 -21.31 13.41 12.49
CA PHE A 98 -21.25 11.99 12.22
C PHE A 98 -21.19 11.15 13.50
N CYS A 99 -20.33 11.56 14.41
CA CYS A 99 -20.22 10.89 15.69
C CYS A 99 -21.57 10.85 16.40
N CYS A 100 -22.26 12.00 16.48
CA CYS A 100 -23.60 12.08 17.02
C CYS A 100 -24.60 11.16 16.30
N THR A 101 -24.50 11.04 14.97
CA THR A 101 -25.33 10.14 14.21
C THR A 101 -25.14 8.71 14.69
N SER A 102 -23.89 8.23 14.72
CA SER A 102 -23.58 6.86 15.07
C SER A 102 -24.16 6.48 16.42
N ALA A 103 -24.01 7.36 17.41
CA ALA A 103 -24.46 7.11 18.77
C ALA A 103 -26.00 7.10 18.88
N THR A 104 -26.65 8.06 18.19
N THR A 104 -26.68 8.00 18.19
CA THR A 104 -28.11 8.19 18.16
CA THR A 104 -28.11 8.04 18.36
C THR A 104 -28.76 6.89 17.67
C THR A 104 -28.77 6.84 17.69
N ILE A 105 -28.12 6.29 16.66
CA ILE A 105 -28.56 5.04 16.01
C ILE A 105 -28.75 3.95 17.05
N ILE A 106 -27.83 3.89 18.01
CA ILE A 106 -27.86 2.84 19.02
C ILE A 106 -29.16 2.80 19.77
N SER A 107 -29.69 3.98 20.11
CA SER A 107 -30.71 4.13 21.13
C SER A 107 -32.10 3.67 20.74
N GLY A 108 -32.39 3.53 19.44
CA GLY A 108 -33.72 3.12 19.10
C GLY A 108 -34.03 1.65 19.31
N ALA A 109 -33.01 0.80 19.44
CA ALA A 109 -33.24 -0.63 19.58
C ALA A 109 -33.80 -0.98 20.96
N VAL A 110 -33.35 -0.29 22.00
CA VAL A 110 -33.55 -0.63 23.41
C VAL A 110 -34.77 0.09 23.97
N ALA A 111 -35.56 0.77 23.12
CA ALA A 111 -36.69 1.55 23.58
C ALA A 111 -37.66 0.71 24.43
N GLU A 112 -38.31 1.45 25.33
CA GLU A 112 -39.40 1.08 26.22
C GLU A 112 -38.92 0.25 27.41
N ARG A 113 -37.65 -0.12 27.50
CA ARG A 113 -37.25 -0.74 28.78
C ARG A 113 -35.81 -0.50 29.23
N MET A 114 -35.07 0.47 28.66
CA MET A 114 -33.74 0.83 29.13
C MET A 114 -33.83 2.09 29.99
N ARG A 115 -33.14 2.06 31.13
CA ARG A 115 -33.10 3.19 32.03
C ARG A 115 -32.35 4.33 31.34
N PHE A 116 -32.74 5.53 31.70
CA PHE A 116 -32.19 6.72 31.09
C PHE A 116 -30.68 6.77 31.24
N THR A 117 -30.17 6.58 32.48
CA THR A 117 -28.73 6.70 32.70
C THR A 117 -27.94 5.66 31.92
N GLY A 118 -28.59 4.52 31.59
CA GLY A 118 -28.06 3.55 30.66
C GLY A 118 -27.80 4.09 29.25
N TYR A 119 -28.74 4.81 28.64
CA TYR A 119 -28.50 5.49 27.38
C TYR A 119 -27.27 6.38 27.52
N ILE A 120 -27.19 7.12 28.62
CA ILE A 120 -26.09 8.06 28.73
C ILE A 120 -24.77 7.26 28.76
N LEU A 121 -24.71 6.16 29.53
CA LEU A 121 -23.42 5.48 29.71
C LEU A 121 -23.01 4.77 28.43
N VAL A 122 -23.97 4.16 27.71
CA VAL A 122 -23.69 3.60 26.42
C VAL A 122 -23.24 4.67 25.42
N THR A 123 -23.88 5.83 25.45
CA THR A 123 -23.46 6.91 24.59
C THR A 123 -22.02 7.29 24.89
N LEU A 124 -21.66 7.38 26.18
CA LEU A 124 -20.27 7.70 26.53
C LEU A 124 -19.31 6.70 25.94
N LEU A 125 -19.59 5.42 26.08
CA LEU A 125 -18.75 4.37 25.51
C LEU A 125 -18.56 4.54 24.00
N ALA A 126 -19.68 4.78 23.29
CA ALA A 126 -19.67 4.96 21.84
C ALA A 126 -18.79 6.14 21.45
N ALA A 127 -19.03 7.28 22.09
CA ALA A 127 -18.43 8.51 21.66
C ALA A 127 -16.99 8.58 22.13
N SER A 128 -16.65 7.92 23.26
CA SER A 128 -15.34 8.09 23.85
C SER A 128 -14.35 7.13 23.25
N LEU A 129 -14.78 5.90 22.95
CA LEU A 129 -13.88 4.81 22.62
C LEU A 129 -14.23 4.18 21.27
N ILE A 130 -15.44 3.64 21.11
CA ILE A 130 -15.67 2.73 20.00
C ILE A 130 -15.63 3.49 18.69
N TYR A 131 -16.46 4.54 18.56
CA TYR A 131 -16.56 5.24 17.28
C TYR A 131 -15.23 5.89 16.89
N PRO A 132 -14.58 6.71 17.75
CA PRO A 132 -13.36 7.37 17.33
C PRO A 132 -12.21 6.41 17.00
N LEU A 133 -12.13 5.25 17.69
CA LEU A 133 -11.04 4.32 17.43
C LEU A 133 -11.23 3.59 16.11
N PHE A 134 -12.42 3.02 15.90
CA PHE A 134 -12.69 2.42 14.61
C PHE A 134 -12.56 3.49 13.51
N GLY A 135 -13.08 4.69 13.82
CA GLY A 135 -12.97 5.82 12.92
C GLY A 135 -11.52 6.06 12.48
N HIS A 136 -10.62 6.10 13.43
CA HIS A 136 -9.19 6.30 13.14
C HIS A 136 -8.65 5.23 12.19
N TRP A 137 -9.01 3.98 12.43
CA TRP A 137 -8.47 2.88 11.63
C TRP A 137 -8.96 2.96 10.21
N ALA A 138 -10.24 3.38 10.00
CA ALA A 138 -10.82 3.42 8.65
C ALA A 138 -10.56 4.74 7.91
N TRP A 139 -10.49 5.87 8.64
CA TRP A 139 -10.57 7.19 8.04
C TRP A 139 -9.54 8.14 8.61
N GLY A 140 -8.61 7.65 9.45
CA GLY A 140 -7.62 8.49 10.11
C GLY A 140 -6.88 9.49 9.20
N GLY A 141 -6.63 9.11 7.93
CA GLY A 141 -5.86 9.94 7.02
C GLY A 141 -6.72 10.91 6.18
N ARG A 142 -8.03 10.84 6.36
CA ARG A 142 -8.94 11.47 5.42
C ARG A 142 -9.39 12.79 6.00
N ILE A 143 -8.43 13.66 6.31
CA ILE A 143 -8.65 14.99 6.87
C ILE A 143 -8.71 16.01 5.73
N LEU A 144 -9.88 16.63 5.58
CA LEU A 144 -10.10 17.58 4.50
C LEU A 144 -9.03 18.67 4.53
N GLY A 145 -8.30 18.78 3.41
CA GLY A 145 -7.31 19.83 3.20
C GLY A 145 -5.99 19.61 3.92
N SER A 146 -5.75 18.45 4.54
CA SER A 146 -4.47 18.22 5.20
C SER A 146 -3.40 17.98 4.15
N GLU A 147 -2.17 18.36 4.48
CA GLU A 147 -1.00 18.03 3.69
C GLU A 147 -0.30 16.84 4.33
N THR A 148 -0.47 16.67 5.66
CA THR A 148 0.47 15.98 6.52
C THR A 148 -0.07 14.63 7.03
N SER A 149 -1.16 14.11 6.46
CA SER A 149 -1.92 13.06 7.15
C SER A 149 -1.36 11.67 6.85
N THR A 150 -1.55 10.75 7.80
CA THR A 150 -1.19 9.34 7.68
C THR A 150 -2.44 8.44 7.77
N PRO A 151 -2.60 7.41 6.91
CA PRO A 151 -3.81 6.59 6.88
C PRO A 151 -3.94 5.66 8.07
N GLY A 152 -5.16 5.37 8.51
CA GLY A 152 -5.32 4.36 9.52
C GLY A 152 -4.93 3.01 8.90
N TRP A 153 -4.75 1.99 9.73
CA TRP A 153 -4.23 0.69 9.26
C TRP A 153 -5.22 0.03 8.28
N LEU A 154 -6.57 0.13 8.52
CA LEU A 154 -7.53 -0.50 7.61
C LEU A 154 -7.52 0.25 6.28
N GLU A 155 -7.54 1.57 6.44
CA GLU A 155 -7.51 2.49 5.33
C GLU A 155 -6.28 2.20 4.45
N GLN A 156 -5.15 1.98 5.10
CA GLN A 156 -3.91 1.71 4.39
C GLN A 156 -4.02 0.40 3.59
N LEU A 157 -4.66 -0.63 4.15
CA LEU A 157 -4.84 -1.89 3.42
C LEU A 157 -5.81 -1.75 2.27
N GLY A 158 -6.55 -0.65 2.18
CA GLY A 158 -7.42 -0.42 1.04
C GLY A 158 -8.94 -0.35 1.35
N PHE A 159 -9.29 -0.43 2.63
CA PHE A 159 -10.68 -0.45 3.06
C PHE A 159 -11.36 0.82 2.57
N ILE A 160 -12.49 0.68 1.84
CA ILE A 160 -13.22 1.83 1.33
C ILE A 160 -14.57 1.93 2.05
N ASP A 161 -14.91 3.16 2.43
CA ASP A 161 -16.22 3.44 3.00
C ASP A 161 -16.47 4.94 2.75
N PHE A 162 -17.23 5.26 1.70
CA PHE A 162 -17.38 6.67 1.30
C PHE A 162 -17.91 7.55 2.43
N ALA A 163 -19.03 7.16 3.02
CA ALA A 163 -19.63 8.03 4.04
C ALA A 163 -19.99 7.32 5.34
N GLY A 164 -19.65 6.04 5.48
CA GLY A 164 -19.77 5.36 6.76
C GLY A 164 -20.79 4.24 6.91
N ALA A 165 -21.02 3.45 5.86
CA ALA A 165 -21.82 2.23 6.02
C ALA A 165 -21.33 1.35 7.16
N THR A 166 -20.00 1.32 7.34
CA THR A 166 -19.38 0.62 8.44
C THR A 166 -19.10 1.60 9.57
N VAL A 167 -18.38 2.68 9.30
CA VAL A 167 -17.87 3.58 10.35
C VAL A 167 -18.98 4.16 11.24
N VAL A 168 -20.10 4.57 10.62
CA VAL A 168 -21.23 5.16 11.35
C VAL A 168 -22.29 4.11 11.62
N HIS A 169 -22.81 3.49 10.57
CA HIS A 169 -24.02 2.70 10.62
C HIS A 169 -23.76 1.35 11.26
N SER A 170 -22.72 0.64 10.84
CA SER A 170 -22.43 -0.68 11.41
C SER A 170 -21.99 -0.57 12.87
N VAL A 171 -21.15 0.40 13.18
CA VAL A 171 -20.75 0.63 14.57
C VAL A 171 -21.96 0.85 15.46
N GLY A 172 -22.92 1.71 15.02
CA GLY A 172 -24.12 1.92 15.81
C GLY A 172 -24.91 0.64 15.95
N GLY A 173 -25.05 -0.06 14.83
CA GLY A 173 -25.86 -1.26 14.81
C GLY A 173 -25.33 -2.37 15.70
N TRP A 174 -23.99 -2.58 15.69
CA TRP A 174 -23.38 -3.60 16.54
C TRP A 174 -23.59 -3.28 18.02
N MET A 175 -23.39 -2.02 18.37
CA MET A 175 -23.62 -1.62 19.76
C MET A 175 -25.10 -1.75 20.14
N ALA A 176 -26.01 -1.46 19.20
CA ALA A 176 -27.43 -1.66 19.46
C ALA A 176 -27.70 -3.15 19.71
N LEU A 177 -27.03 -4.02 18.96
CA LEU A 177 -27.31 -5.46 19.09
C LEU A 177 -26.86 -5.97 20.46
N ALA A 178 -25.70 -5.51 20.90
CA ALA A 178 -25.21 -5.81 22.24
C ALA A 178 -26.20 -5.34 23.30
N CYS A 179 -26.65 -4.09 23.19
CA CYS A 179 -27.62 -3.54 24.12
C CYS A 179 -28.90 -4.39 24.19
N VAL A 180 -29.55 -4.73 23.06
CA VAL A 180 -30.81 -5.47 23.13
C VAL A 180 -30.60 -6.88 23.67
N LEU A 181 -29.43 -7.48 23.42
CA LEU A 181 -29.21 -8.84 23.90
C LEU A 181 -29.09 -8.79 25.42
N ILE A 182 -28.42 -7.77 25.94
CA ILE A 182 -28.17 -7.68 27.37
C ILE A 182 -29.43 -7.24 28.12
N ILE A 183 -30.19 -6.25 27.64
CA ILE A 183 -31.34 -5.87 28.45
C ILE A 183 -32.52 -6.82 28.22
N GLY A 184 -32.60 -7.46 27.06
CA GLY A 184 -33.62 -8.46 26.79
C GLY A 184 -34.87 -7.83 26.19
N PRO A 185 -35.83 -8.69 25.83
CA PRO A 185 -37.02 -8.25 25.12
C PRO A 185 -38.04 -7.52 25.99
N ARG A 186 -38.86 -6.67 25.38
CA ARG A 186 -39.97 -6.08 26.12
C ARG A 186 -40.91 -7.16 26.68
N LEU A 187 -41.46 -6.88 27.86
CA LEU A 187 -42.57 -7.66 28.39
C LEU A 187 -43.68 -7.69 27.37
N GLY A 188 -44.16 -8.88 27.09
CA GLY A 188 -45.29 -9.06 26.19
C GLY A 188 -44.88 -9.18 24.72
N ARG A 189 -43.59 -9.08 24.38
CA ARG A 189 -43.16 -9.20 23.00
C ARG A 189 -43.21 -10.65 22.51
N PHE A 190 -42.57 -11.58 23.23
CA PHE A 190 -42.48 -12.99 22.83
C PHE A 190 -43.05 -13.91 23.92
N ASN A 191 -43.62 -15.06 23.53
CA ASN A 191 -44.24 -15.95 24.52
C ASN A 191 -43.86 -17.41 24.27
N ASN A 192 -43.31 -18.03 25.32
CA ASN A 192 -43.13 -19.47 25.49
C ASN A 192 -42.29 -20.09 24.37
N LYS A 193 -42.93 -20.54 23.28
CA LYS A 193 -42.16 -21.26 22.26
C LYS A 193 -41.83 -20.31 21.10
N HIS A 194 -42.76 -20.16 20.14
CA HIS A 194 -42.49 -19.40 18.94
C HIS A 194 -43.48 -18.24 18.82
N GLY A 195 -44.12 -17.88 19.94
CA GLY A 195 -45.11 -16.81 19.98
C GLY A 195 -44.44 -15.42 19.89
N VAL A 196 -45.00 -14.58 19.01
CA VAL A 196 -44.53 -13.23 18.73
C VAL A 196 -45.75 -12.31 18.73
N ASN A 197 -45.85 -11.40 19.71
CA ASN A 197 -46.88 -10.37 19.71
C ASN A 197 -46.28 -9.08 19.16
N GLN A 198 -47.04 -8.39 18.31
CA GLN A 198 -46.59 -7.12 17.82
C GLN A 198 -46.91 -6.07 18.90
N ILE A 199 -45.99 -5.15 19.08
CA ILE A 199 -46.24 -3.98 19.88
C ILE A 199 -46.04 -2.79 18.93
N PHE A 200 -47.08 -2.02 18.75
CA PHE A 200 -47.11 -1.00 17.69
C PHE A 200 -46.94 0.33 18.36
N GLY A 201 -46.22 1.24 17.71
CA GLY A 201 -46.12 2.62 18.16
C GLY A 201 -47.45 3.33 18.16
N ASP A 202 -47.53 4.37 18.98
CA ASP A 202 -48.74 5.19 19.02
C ASP A 202 -48.60 6.45 18.18
N ASN A 203 -47.50 6.71 17.45
CA ASN A 203 -47.61 7.91 16.62
C ASN A 203 -46.91 7.73 15.29
N LEU A 204 -47.46 6.79 14.54
CA LEU A 204 -46.72 6.30 13.39
C LEU A 204 -46.64 7.39 12.32
N PRO A 205 -47.52 8.38 12.22
CA PRO A 205 -47.28 9.47 11.25
C PRO A 205 -45.98 10.18 11.50
N LEU A 206 -45.58 10.26 12.78
CA LEU A 206 -44.29 10.86 13.08
C LEU A 206 -43.14 10.03 12.53
N THR A 207 -43.36 8.72 12.39
CA THR A 207 -42.30 7.92 11.80
C THR A 207 -42.12 8.14 10.32
N ALA A 208 -43.15 8.52 9.60
CA ALA A 208 -42.99 8.91 8.23
C ALA A 208 -42.30 10.26 8.11
N LEU A 209 -42.72 11.24 8.95
CA LEU A 209 -42.02 12.52 9.01
C LEU A 209 -40.54 12.23 9.22
N GLY A 210 -40.27 11.37 10.19
CA GLY A 210 -38.89 11.06 10.52
C GLY A 210 -38.10 10.42 9.38
N THR A 211 -38.75 9.48 8.65
CA THR A 211 -38.15 8.89 7.47
C THR A 211 -37.79 9.94 6.41
N PHE A 212 -38.69 10.91 6.13
CA PHE A 212 -38.36 11.95 5.17
C PHE A 212 -37.24 12.87 5.64
N LEU A 213 -37.23 13.20 6.96
CA LEU A 213 -36.14 14.01 7.51
C LEU A 213 -34.80 13.27 7.45
N LEU A 214 -34.80 11.97 7.75
CA LEU A 214 -33.59 11.19 7.59
C LEU A 214 -33.12 11.19 6.14
N PHE A 215 -34.03 10.95 5.21
CA PHE A 215 -33.73 10.92 3.79
C PHE A 215 -33.10 12.26 3.35
N LEU A 216 -33.70 13.36 3.79
CA LEU A 216 -33.17 14.67 3.45
C LEU A 216 -31.75 14.82 4.03
N GLY A 217 -31.60 14.51 5.29
CA GLY A 217 -30.31 14.63 5.93
C GLY A 217 -29.20 13.80 5.27
N TRP A 218 -29.61 12.68 4.66
CA TRP A 218 -28.69 11.73 4.05
C TRP A 218 -27.99 12.37 2.85
N PHE A 219 -28.65 13.32 2.20
CA PHE A 219 -28.01 14.02 1.08
C PHE A 219 -26.81 14.81 1.59
N GLY A 220 -26.96 15.41 2.77
CA GLY A 220 -25.86 16.12 3.41
C GLY A 220 -24.77 15.15 3.91
N PHE A 221 -25.21 14.06 4.52
CA PHE A 221 -24.37 12.99 5.02
C PHE A 221 -23.41 12.52 3.91
N ASN A 222 -23.97 12.20 2.72
CA ASN A 222 -23.14 11.75 1.60
C ASN A 222 -22.39 12.90 0.90
N GLY A 223 -23.12 13.99 0.66
CA GLY A 223 -22.58 15.14 -0.02
C GLY A 223 -21.43 15.81 0.71
N GLY A 224 -21.46 15.80 2.04
CA GLY A 224 -20.41 16.43 2.81
C GLY A 224 -19.13 15.60 2.98
N SER A 225 -19.19 14.33 2.56
CA SER A 225 -18.13 13.35 2.63
C SER A 225 -17.32 13.36 1.33
N TYR A 226 -17.74 14.11 0.31
CA TYR A 226 -17.20 14.01 -1.02
C TYR A 226 -15.77 14.55 -1.12
N GLY A 227 -15.40 15.47 -0.23
CA GLY A 227 -14.01 15.85 -0.10
C GLY A 227 -13.58 16.93 -1.09
N LYS A 228 -14.51 17.53 -1.78
CA LYS A 228 -14.05 18.43 -2.81
C LYS A 228 -15.28 18.79 -3.57
N ILE A 229 -15.09 19.53 -4.67
N ILE A 229 -15.09 19.48 -4.72
CA ILE A 229 -16.15 19.63 -5.64
CA ILE A 229 -16.17 19.75 -5.64
C ILE A 229 -15.57 19.32 -7.00
C ILE A 229 -15.69 19.47 -7.07
N ASP A 230 -16.28 18.48 -7.75
CA ASP A 230 -16.05 18.30 -9.17
C ASP A 230 -17.42 18.06 -9.79
N ASP A 231 -17.42 17.78 -11.10
CA ASP A 231 -18.66 17.68 -11.86
C ASP A 231 -19.35 16.34 -11.61
N MET A 232 -18.76 15.43 -10.82
CA MET A 232 -19.46 14.20 -10.49
C MET A 232 -20.21 14.25 -9.13
N LEU A 233 -20.20 15.40 -8.44
CA LEU A 233 -20.87 15.47 -7.13
C LEU A 233 -22.35 15.15 -7.27
N SER A 234 -23.01 15.64 -8.34
CA SER A 234 -24.45 15.44 -8.45
C SER A 234 -24.81 13.96 -8.57
N SER A 235 -23.87 13.11 -9.02
N SER A 235 -23.86 13.12 -9.03
CA SER A 235 -24.10 11.68 -9.14
CA SER A 235 -24.05 11.69 -9.15
C SER A 235 -24.19 10.99 -7.77
C SER A 235 -24.22 11.03 -7.77
N VAL A 236 -23.53 11.54 -6.75
CA VAL A 236 -23.69 11.07 -5.40
C VAL A 236 -25.13 11.30 -4.91
N PHE A 237 -25.73 12.44 -5.28
CA PHE A 237 -27.10 12.79 -4.93
C PHE A 237 -28.10 11.87 -5.59
N VAL A 238 -27.95 11.68 -6.90
CA VAL A 238 -28.85 10.79 -7.63
C VAL A 238 -28.76 9.39 -7.01
N ASN A 239 -27.54 8.93 -6.71
CA ASN A 239 -27.42 7.58 -6.19
C ASN A 239 -28.05 7.43 -4.80
N THR A 240 -28.00 8.51 -4.00
CA THR A 240 -28.66 8.56 -2.70
C THR A 240 -30.16 8.45 -2.86
N ALA A 241 -30.73 9.22 -3.78
CA ALA A 241 -32.15 9.20 -4.07
C ALA A 241 -32.59 7.79 -4.52
N LEU A 242 -31.80 7.16 -5.38
CA LEU A 242 -32.20 5.86 -5.91
C LEU A 242 -32.06 4.78 -4.85
N GLY A 243 -30.98 4.86 -4.06
CA GLY A 243 -30.80 3.88 -3.00
C GLY A 243 -32.03 3.81 -2.10
N GLY A 244 -32.43 4.96 -1.61
CA GLY A 244 -33.56 5.03 -0.68
C GLY A 244 -34.87 4.64 -1.32
N THR A 245 -35.11 5.16 -2.51
CA THR A 245 -36.38 4.88 -3.14
C THR A 245 -36.50 3.44 -3.59
N PHE A 246 -35.42 2.78 -4.01
CA PHE A 246 -35.51 1.38 -4.40
C PHE A 246 -35.61 0.51 -3.16
N GLY A 247 -34.94 0.91 -2.07
CA GLY A 247 -35.13 0.20 -0.81
C GLY A 247 -36.60 0.12 -0.41
N GLY A 248 -37.29 1.26 -0.43
CA GLY A 248 -38.70 1.27 -0.10
C GLY A 248 -39.57 0.52 -1.14
N PHE A 249 -39.25 0.72 -2.41
CA PHE A 249 -40.05 0.18 -3.52
C PHE A 249 -39.99 -1.34 -3.51
N VAL A 250 -38.80 -1.89 -3.24
CA VAL A 250 -38.68 -3.32 -3.18
C VAL A 250 -39.50 -3.87 -2.02
N VAL A 251 -39.45 -3.23 -0.85
CA VAL A 251 -40.24 -3.72 0.26
C VAL A 251 -41.72 -3.59 -0.07
N LEU A 252 -42.09 -2.52 -0.80
CA LEU A 252 -43.49 -2.36 -1.15
C LEU A 252 -43.98 -3.56 -2.00
N LEU A 253 -43.17 -3.97 -2.98
CA LEU A 253 -43.43 -5.15 -3.78
C LEU A 253 -43.55 -6.41 -2.91
N ILE A 254 -42.54 -6.69 -2.07
CA ILE A 254 -42.67 -7.78 -1.14
C ILE A 254 -44.01 -7.70 -0.41
N CYS A 255 -44.34 -6.51 0.11
CA CYS A 255 -45.38 -6.35 1.11
C CYS A 255 -46.78 -6.45 0.52
N ILE A 256 -46.93 -5.94 -0.68
CA ILE A 256 -48.19 -6.11 -1.38
C ILE A 256 -48.35 -7.61 -1.57
N TRP A 257 -47.30 -8.27 -2.05
CA TRP A 257 -47.38 -9.69 -2.37
C TRP A 257 -47.80 -10.49 -1.11
N GLN A 258 -46.97 -10.48 -0.08
CA GLN A 258 -47.26 -11.16 1.17
C GLN A 258 -48.31 -10.51 2.08
N GLN A 259 -48.98 -9.42 1.67
CA GLN A 259 -50.05 -8.81 2.46
C GLN A 259 -49.64 -8.57 3.92
N SER A 260 -48.53 -7.85 4.15
CA SER A 260 -48.02 -7.57 5.49
C SER A 260 -48.96 -6.66 6.29
N LEU A 261 -49.16 -7.06 7.53
CA LEU A 261 -49.82 -6.19 8.48
C LEU A 261 -48.79 -5.13 8.93
N LEU A 262 -49.33 -3.96 9.31
CA LEU A 262 -48.56 -2.74 9.55
C LEU A 262 -47.34 -2.65 8.60
N SER A 263 -47.62 -2.68 7.28
N SER A 263 -47.62 -2.68 7.30
CA SER A 263 -46.61 -2.59 6.21
CA SER A 263 -46.56 -2.63 6.29
C SER A 263 -45.81 -1.29 6.26
C SER A 263 -45.80 -1.30 6.27
N ILE A 264 -46.31 -0.34 7.04
CA ILE A 264 -45.72 1.00 7.02
C ILE A 264 -44.38 0.82 7.72
N ARG A 265 -44.41 0.03 8.78
CA ARG A 265 -43.11 -0.11 9.41
C ARG A 265 -42.10 -0.64 8.39
N PHE A 266 -42.52 -1.57 7.45
CA PHE A 266 -41.41 -2.24 6.77
C PHE A 266 -40.95 -1.35 5.61
N VAL A 267 -41.89 -0.69 4.90
CA VAL A 267 -41.50 0.13 3.75
C VAL A 267 -40.57 1.25 4.23
N LEU A 268 -40.89 1.86 5.38
N LEU A 268 -40.90 1.88 5.38
CA LEU A 268 -40.10 2.96 5.90
CA LEU A 268 -40.11 2.98 5.90
C LEU A 268 -38.67 2.51 6.20
C LEU A 268 -38.68 2.51 6.19
N ASN A 269 -38.55 1.35 6.86
CA ASN A 269 -37.26 0.74 7.15
C ASN A 269 -36.52 0.37 5.86
N GLY A 270 -37.27 -0.08 4.84
CA GLY A 270 -36.68 -0.32 3.53
C GLY A 270 -35.96 0.88 2.92
N VAL A 271 -36.58 2.05 3.05
CA VAL A 271 -36.01 3.28 2.56
C VAL A 271 -34.71 3.52 3.30
N LEU A 272 -34.74 3.43 4.63
CA LEU A 272 -33.55 3.72 5.42
C LEU A 272 -32.47 2.69 5.08
N ALA A 273 -32.85 1.40 4.94
CA ALA A 273 -31.82 0.39 4.60
C ALA A 273 -31.16 0.64 3.25
N GLY A 274 -31.92 1.11 2.26
CA GLY A 274 -31.36 1.45 0.97
C GLY A 274 -30.33 2.58 1.04
N LEU A 275 -30.67 3.58 1.86
CA LEU A 275 -29.79 4.71 2.08
C LEU A 275 -28.52 4.23 2.78
N VAL A 276 -28.66 3.42 3.81
CA VAL A 276 -27.46 2.93 4.49
C VAL A 276 -26.52 2.17 3.52
N ALA A 277 -27.08 1.31 2.69
CA ALA A 277 -26.28 0.46 1.80
C ALA A 277 -25.51 1.30 0.79
N ILE A 278 -26.09 2.40 0.25
CA ILE A 278 -25.35 3.16 -0.75
C ILE A 278 -24.35 4.11 -0.10
N THR A 279 -24.33 4.18 1.23
CA THR A 279 -23.45 5.09 1.93
C THR A 279 -21.99 4.71 1.75
N ALA A 280 -21.74 3.42 1.47
CA ALA A 280 -20.36 2.97 1.29
C ALA A 280 -19.82 3.37 -0.06
N SER A 281 -20.67 3.61 -1.07
CA SER A 281 -20.23 3.57 -2.45
C SER A 281 -20.92 4.61 -3.34
N ALA A 282 -21.58 5.64 -2.75
CA ALA A 282 -22.38 6.54 -3.56
C ALA A 282 -21.53 7.21 -4.64
N ASN A 283 -20.25 7.40 -4.36
CA ASN A 283 -19.37 8.10 -5.29
C ASN A 283 -18.78 7.20 -6.38
N SER A 284 -18.97 5.88 -6.33
CA SER A 284 -18.17 4.97 -7.17
C SER A 284 -19.04 4.02 -7.96
N ILE A 285 -20.38 4.20 -7.91
CA ILE A 285 -21.30 3.30 -8.61
C ILE A 285 -22.17 4.07 -9.62
N SER A 286 -22.74 3.32 -10.55
CA SER A 286 -23.72 3.87 -11.47
C SER A 286 -25.11 3.96 -10.80
N SER A 287 -26.01 4.68 -11.48
CA SER A 287 -27.39 4.85 -11.05
C SER A 287 -28.12 3.51 -10.99
N ILE A 288 -27.87 2.62 -11.98
CA ILE A 288 -28.46 1.30 -12.01
C ILE A 288 -27.97 0.49 -10.82
N ASP A 289 -26.68 0.60 -10.52
CA ASP A 289 -26.14 -0.16 -9.40
C ASP A 289 -26.62 0.40 -8.05
N ALA A 290 -26.86 1.72 -7.98
CA ALA A 290 -27.44 2.34 -6.79
C ALA A 290 -28.84 1.79 -6.52
N ALA A 291 -29.65 1.69 -7.57
CA ALA A 291 -30.97 1.11 -7.47
C ALA A 291 -30.90 -0.34 -7.03
N THR A 292 -29.91 -1.05 -7.57
CA THR A 292 -29.76 -2.46 -7.30
C THR A 292 -29.33 -2.66 -5.84
N ILE A 293 -28.27 -1.99 -5.42
CA ILE A 293 -27.77 -2.12 -4.06
C ILE A 293 -28.84 -1.72 -3.04
N GLY A 294 -29.54 -0.61 -3.34
CA GLY A 294 -30.56 -0.09 -2.42
C GLY A 294 -31.72 -1.06 -2.30
N GLY A 295 -32.18 -1.52 -3.46
CA GLY A 295 -33.27 -2.49 -3.54
C GLY A 295 -32.97 -3.78 -2.78
N ILE A 296 -31.76 -4.35 -2.97
CA ILE A 296 -31.39 -5.56 -2.26
C ILE A 296 -31.38 -5.26 -0.75
N SER A 297 -30.85 -4.09 -0.36
CA SER A 297 -30.80 -3.71 1.05
C SER A 297 -32.21 -3.66 1.67
N GLY A 298 -33.17 -3.11 0.93
CA GLY A 298 -34.55 -3.13 1.35
C GLY A 298 -35.06 -4.54 1.67
N ALA A 299 -34.87 -5.43 0.70
CA ALA A 299 -35.25 -6.83 0.86
C ALA A 299 -34.55 -7.45 2.08
N LEU A 300 -33.24 -7.22 2.23
CA LEU A 300 -32.51 -7.77 3.36
C LEU A 300 -33.08 -7.29 4.68
N SER A 301 -33.45 -5.98 4.73
CA SER A 301 -33.99 -5.41 5.93
C SER A 301 -35.29 -6.08 6.31
N PHE A 302 -36.16 -6.36 5.33
CA PHE A 302 -37.42 -7.04 5.57
C PHE A 302 -37.16 -8.44 6.15
N PHE A 303 -36.27 -9.20 5.52
CA PHE A 303 -36.04 -10.57 5.97
C PHE A 303 -35.28 -10.58 7.30
N ALA A 304 -34.38 -9.61 7.50
CA ALA A 304 -33.67 -9.55 8.76
C ALA A 304 -34.62 -9.23 9.92
N THR A 305 -35.62 -8.38 9.68
CA THR A 305 -36.60 -8.06 10.71
C THR A 305 -37.28 -9.34 11.20
N ILE A 306 -37.73 -10.15 10.24
CA ILE A 306 -38.43 -11.37 10.57
C ILE A 306 -37.49 -12.35 11.28
N LEU A 307 -36.24 -12.48 10.81
CA LEU A 307 -35.24 -13.33 11.47
C LEU A 307 -35.02 -12.96 12.94
N LEU A 308 -34.90 -11.66 13.23
CA LEU A 308 -34.63 -11.25 14.60
C LEU A 308 -35.77 -11.68 15.53
N GLU A 309 -37.00 -11.56 15.07
CA GLU A 309 -38.16 -11.99 15.82
C GLU A 309 -38.10 -13.50 16.09
N LYS A 310 -37.72 -14.28 15.06
CA LYS A 310 -37.51 -15.71 15.26
C LYS A 310 -36.45 -15.99 16.32
N CYS A 311 -35.44 -15.14 16.47
CA CYS A 311 -34.38 -15.35 17.45
C CYS A 311 -34.75 -14.80 18.82
N LYS A 312 -35.98 -14.28 18.94
CA LYS A 312 -36.41 -13.61 20.17
C LYS A 312 -35.48 -12.46 20.56
N ILE A 313 -35.07 -11.64 19.57
CA ILE A 313 -34.33 -10.42 19.85
C ILE A 313 -35.27 -9.26 19.53
N ASP A 314 -35.43 -8.31 20.46
CA ASP A 314 -36.43 -7.28 20.34
C ASP A 314 -35.74 -5.95 20.03
N ASP A 315 -35.68 -5.64 18.76
CA ASP A 315 -35.07 -4.40 18.32
C ASP A 315 -36.21 -3.50 17.87
N VAL A 316 -36.55 -2.50 18.69
CA VAL A 316 -37.85 -1.85 18.57
C VAL A 316 -38.02 -1.18 17.21
N VAL A 317 -37.09 -0.34 16.78
CA VAL A 317 -37.21 0.34 15.50
C VAL A 317 -36.48 -0.37 14.36
N SER A 318 -35.92 -1.58 14.60
CA SER A 318 -35.16 -2.28 13.56
C SER A 318 -33.87 -1.58 13.18
N VAL A 319 -33.09 -1.27 14.20
CA VAL A 319 -31.76 -0.71 13.99
C VAL A 319 -30.88 -1.77 13.30
N VAL A 320 -30.94 -3.00 13.77
CA VAL A 320 -30.00 -3.97 13.26
C VAL A 320 -30.34 -4.30 11.81
N PRO A 321 -31.61 -4.58 11.45
CA PRO A 321 -31.95 -4.79 10.04
C PRO A 321 -31.58 -3.63 9.11
N VAL A 322 -31.72 -2.37 9.59
CA VAL A 322 -31.47 -1.21 8.75
C VAL A 322 -30.00 -0.82 8.69
N HIS A 323 -29.43 -0.51 9.86
CA HIS A 323 -28.11 0.04 9.92
C HIS A 323 -27.02 -1.03 9.84
N LEU A 324 -27.19 -2.12 10.57
CA LEU A 324 -26.13 -3.16 10.58
C LEU A 324 -26.20 -4.02 9.34
N ILE A 325 -27.33 -4.65 9.04
CA ILE A 325 -27.42 -5.48 7.86
C ILE A 325 -27.28 -4.62 6.60
N GLY A 326 -27.87 -3.40 6.58
CA GLY A 326 -27.68 -2.52 5.45
C GLY A 326 -26.23 -2.06 5.32
N GLY A 327 -25.56 -1.86 6.47
CA GLY A 327 -24.23 -1.32 6.42
C GLY A 327 -23.21 -2.39 5.96
N ILE A 328 -23.35 -3.62 6.47
CA ILE A 328 -22.55 -4.77 6.03
C ILE A 328 -22.74 -5.02 4.54
N TRP A 329 -24.02 -5.12 4.13
CA TRP A 329 -24.34 -5.29 2.73
C TRP A 329 -23.70 -4.17 1.89
N GLY A 330 -23.85 -2.89 2.28
CA GLY A 330 -23.27 -1.83 1.48
C GLY A 330 -21.74 -1.91 1.35
N THR A 331 -21.08 -2.26 2.47
CA THR A 331 -19.63 -2.28 2.56
C THR A 331 -19.08 -3.38 1.62
N LEU A 332 -19.74 -4.52 1.57
CA LEU A 332 -19.33 -5.65 0.72
C LEU A 332 -19.70 -5.39 -0.73
N ALA A 333 -20.88 -4.79 -0.94
CA ALA A 333 -21.39 -4.51 -2.26
C ALA A 333 -20.44 -3.57 -3.00
N LEU A 334 -19.69 -2.76 -2.28
CA LEU A 334 -18.77 -1.84 -2.92
C LEU A 334 -17.80 -2.62 -3.82
N ALA A 335 -17.34 -3.77 -3.36
CA ALA A 335 -16.38 -4.61 -4.09
C ALA A 335 -17.03 -5.19 -5.35
N ILE A 336 -18.30 -5.48 -5.25
CA ILE A 336 -19.03 -6.10 -6.34
C ILE A 336 -19.30 -5.09 -7.43
N PHE A 337 -19.68 -3.84 -7.09
CA PHE A 337 -20.30 -2.97 -8.08
C PHE A 337 -19.45 -1.77 -8.47
N ALA A 338 -18.58 -1.32 -7.57
CA ALA A 338 -17.93 -0.05 -7.74
C ALA A 338 -16.97 -0.14 -8.91
N ASP A 339 -16.86 0.98 -9.60
CA ASP A 339 -15.87 1.09 -10.67
C ASP A 339 -14.49 0.85 -10.04
N GLY A 340 -13.73 -0.09 -10.61
CA GLY A 340 -12.45 -0.52 -10.06
C GLY A 340 -11.40 0.59 -10.01
N GLN A 341 -11.62 1.71 -10.71
CA GLN A 341 -10.66 2.81 -10.65
C GLN A 341 -10.64 3.42 -9.24
N TYR A 342 -11.68 3.17 -8.40
CA TYR A 342 -11.69 3.73 -7.06
C TYR A 342 -10.92 2.85 -6.07
N PHE A 343 -10.40 1.70 -6.53
CA PHE A 343 -9.68 0.79 -5.65
C PHE A 343 -8.19 1.15 -5.69
N ILE A 344 -7.39 0.62 -4.78
CA ILE A 344 -5.94 0.49 -4.98
C ILE A 344 -5.54 -0.06 -6.37
N ALA A 345 -4.49 0.50 -7.01
CA ALA A 345 -4.05 0.04 -8.33
C ALA A 345 -3.78 -1.46 -8.34
N GLY A 346 -3.13 -1.96 -7.28
CA GLY A 346 -2.86 -3.39 -7.20
C GLY A 346 -3.96 -4.21 -6.56
N ASN A 347 -5.24 -3.76 -6.61
CA ASN A 347 -6.38 -4.53 -6.12
C ASN A 347 -7.35 -4.88 -7.24
N SER A 348 -7.63 -6.17 -7.35
CA SER A 348 -8.75 -6.71 -8.09
C SER A 348 -10.01 -6.64 -7.23
N ARG A 349 -11.14 -7.05 -7.83
CA ARG A 349 -12.41 -7.10 -7.14
C ARG A 349 -12.34 -8.13 -6.02
N VAL A 350 -11.66 -9.24 -6.25
CA VAL A 350 -11.49 -10.21 -5.19
C VAL A 350 -10.68 -9.64 -4.02
N ASP A 351 -9.57 -8.95 -4.32
CA ASP A 351 -8.75 -8.31 -3.29
C ASP A 351 -9.57 -7.27 -2.54
N GLN A 352 -10.35 -6.49 -3.28
CA GLN A 352 -11.21 -5.48 -2.64
C GLN A 352 -12.26 -6.17 -1.77
N PHE A 353 -12.85 -7.27 -2.25
CA PHE A 353 -13.82 -7.99 -1.45
C PHE A 353 -13.20 -8.38 -0.13
N LEU A 354 -11.96 -8.92 -0.17
CA LEU A 354 -11.33 -9.43 1.03
C LEU A 354 -11.07 -8.31 2.04
N ILE A 355 -10.70 -7.11 1.57
CA ILE A 355 -10.38 -6.07 2.54
C ILE A 355 -11.67 -5.44 3.06
N GLN A 356 -12.70 -5.34 2.21
CA GLN A 356 -14.01 -4.90 2.68
C GLN A 356 -14.45 -5.87 3.77
N LEU A 357 -14.26 -7.20 3.56
CA LEU A 357 -14.71 -8.18 4.56
C LEU A 357 -13.90 -8.07 5.83
N LEU A 358 -12.59 -7.82 5.71
CA LEU A 358 -11.76 -7.71 6.90
C LEU A 358 -12.27 -6.52 7.72
N GLY A 359 -12.67 -5.44 7.04
CA GLY A 359 -13.23 -4.27 7.70
C GLY A 359 -14.52 -4.58 8.44
N VAL A 360 -15.41 -5.33 7.80
CA VAL A 360 -16.67 -5.78 8.37
C VAL A 360 -16.44 -6.57 9.63
N VAL A 361 -15.50 -7.53 9.56
CA VAL A 361 -15.23 -8.41 10.66
C VAL A 361 -14.56 -7.66 11.81
N THR A 362 -13.64 -6.77 11.49
CA THR A 362 -12.93 -5.98 12.49
C THR A 362 -13.94 -5.14 13.27
N CYS A 363 -14.86 -4.56 12.51
CA CYS A 363 -15.89 -3.71 13.10
C CYS A 363 -16.74 -4.53 14.07
N GLY A 364 -17.20 -5.72 13.65
CA GLY A 364 -17.99 -6.60 14.51
C GLY A 364 -17.24 -6.96 15.80
N ILE A 365 -15.97 -7.36 15.66
CA ILE A 365 -15.21 -7.77 16.84
C ILE A 365 -15.07 -6.62 17.83
N PHE A 366 -14.69 -5.46 17.35
CA PHE A 366 -14.47 -4.30 18.21
C PHE A 366 -15.78 -3.63 18.68
N ALA A 367 -16.74 -3.40 17.76
CA ALA A 367 -17.96 -2.62 18.11
C ALA A 367 -19.09 -3.48 18.68
N PHE A 368 -19.08 -4.82 18.44
CA PHE A 368 -19.97 -5.72 19.14
C PHE A 368 -19.25 -6.35 20.31
N GLY A 369 -18.06 -6.94 20.05
CA GLY A 369 -17.36 -7.73 21.04
C GLY A 369 -17.04 -6.95 22.31
N LEU A 370 -16.33 -5.83 22.18
CA LEU A 370 -15.90 -5.07 23.35
C LEU A 370 -17.09 -4.47 24.09
N PRO A 371 -18.03 -3.73 23.43
CA PRO A 371 -19.23 -3.25 24.11
C PRO A 371 -20.02 -4.37 24.77
N TYR A 372 -20.15 -5.51 24.10
CA TYR A 372 -20.93 -6.61 24.68
C TYR A 372 -20.33 -6.96 26.04
N MET A 373 -18.99 -7.05 26.09
CA MET A 373 -18.32 -7.43 27.34
C MET A 373 -18.42 -6.33 28.39
N LEU A 374 -18.22 -5.08 27.99
CA LEU A 374 -18.25 -4.01 28.98
C LEU A 374 -19.65 -3.76 29.50
N ILE A 375 -20.64 -3.80 28.59
CA ILE A 375 -22.01 -3.48 28.97
C ILE A 375 -22.56 -4.62 29.83
N ARG A 376 -22.15 -5.86 29.55
CA ARG A 376 -22.55 -6.98 30.40
C ARG A 376 -21.98 -6.79 31.81
N LEU A 377 -20.73 -6.33 31.91
CA LEU A 377 -20.07 -6.03 33.19
C LEU A 377 -20.81 -4.92 33.94
N LEU A 378 -21.03 -3.81 33.25
CA LEU A 378 -21.77 -2.69 33.82
C LEU A 378 -23.12 -3.16 34.37
N ASN A 379 -23.83 -3.98 33.59
CA ASN A 379 -25.18 -4.38 33.93
C ASN A 379 -25.20 -5.26 35.20
N ARG A 380 -24.13 -6.01 35.50
CA ARG A 380 -24.10 -6.84 36.69
C ARG A 380 -24.14 -5.96 37.95
N VAL A 381 -23.50 -4.79 37.91
CA VAL A 381 -23.40 -3.91 39.07
C VAL A 381 -24.33 -2.72 39.01
N TYR A 382 -24.90 -2.42 37.81
CA TYR A 382 -25.76 -1.28 37.62
C TYR A 382 -26.78 -1.67 36.55
N PRO A 383 -27.88 -2.35 36.96
CA PRO A 383 -28.82 -2.94 36.02
C PRO A 383 -29.31 -1.87 35.05
N LEU A 384 -29.27 -2.21 33.77
CA LEU A 384 -29.67 -1.25 32.75
C LEU A 384 -31.17 -1.32 32.43
N ARG A 385 -31.82 -2.48 32.63
CA ARG A 385 -33.24 -2.57 32.41
C ARG A 385 -34.05 -1.89 33.51
N VAL A 386 -35.11 -1.20 33.14
CA VAL A 386 -36.02 -0.66 34.15
C VAL A 386 -36.73 -1.81 34.86
N SER A 387 -37.27 -1.48 36.04
CA SER A 387 -38.07 -2.38 36.83
C SER A 387 -39.34 -2.74 36.06
N PRO A 388 -39.91 -3.93 36.31
CA PRO A 388 -41.15 -4.32 35.65
C PRO A 388 -42.26 -3.30 35.84
N ARG A 389 -42.33 -2.72 37.05
CA ARG A 389 -43.34 -1.73 37.30
C ARG A 389 -43.19 -0.53 36.33
N VAL A 390 -41.97 -0.08 36.14
CA VAL A 390 -41.69 1.08 35.31
C VAL A 390 -41.95 0.78 33.83
N GLU A 391 -41.62 -0.44 33.41
CA GLU A 391 -41.89 -0.85 32.05
C GLU A 391 -43.40 -0.88 31.77
N ILE A 392 -44.17 -1.42 32.73
CA ILE A 392 -45.61 -1.58 32.58
C ILE A 392 -46.31 -0.22 32.61
N LEU A 393 -45.95 0.61 33.56
CA LEU A 393 -46.61 1.91 33.73
C LEU A 393 -46.11 2.87 32.65
N GLY A 394 -44.87 2.65 32.17
CA GLY A 394 -44.22 3.47 31.19
C GLY A 394 -43.20 4.41 31.82
N LEU A 395 -42.12 4.61 31.10
CA LEU A 395 -41.01 5.44 31.51
C LEU A 395 -41.47 6.88 31.76
N ASN A 396 -42.46 7.41 31.03
CA ASN A 396 -42.94 8.73 31.35
C ASN A 396 -43.32 8.94 32.82
N PHE A 397 -44.32 8.19 33.36
CA PHE A 397 -44.76 8.32 34.76
C PHE A 397 -43.76 7.64 35.69
N GLY A 398 -43.42 6.39 35.33
CA GLY A 398 -42.60 5.58 36.19
C GLY A 398 -41.22 6.17 36.39
N GLU A 399 -40.64 6.75 35.35
CA GLU A 399 -39.25 7.14 35.47
C GLU A 399 -39.17 8.65 35.62
N PHE A 400 -39.99 9.43 34.87
CA PHE A 400 -39.86 10.90 34.79
C PHE A 400 -40.99 11.62 35.52
N GLY A 401 -41.83 10.89 36.31
CA GLY A 401 -42.75 11.44 37.31
C GLY A 401 -43.78 12.32 36.62
N SER B 2 42.13 -4.37 -43.29
CA SER B 2 42.00 -3.25 -42.33
C SER B 2 42.19 -3.77 -40.90
N GLU B 3 42.99 -3.08 -40.09
CA GLU B 3 43.46 -3.61 -38.82
C GLU B 3 42.39 -3.39 -37.74
N SER B 4 41.36 -2.60 -38.06
CA SER B 4 40.28 -2.29 -37.14
C SER B 4 39.36 -3.51 -37.00
N PHE B 5 39.58 -4.54 -37.85
CA PHE B 5 38.71 -5.70 -37.85
C PHE B 5 38.87 -6.48 -36.55
N LEU B 6 40.11 -6.68 -36.09
CA LEU B 6 40.30 -7.58 -34.96
C LEU B 6 39.58 -7.02 -33.74
N LEU B 7 39.76 -5.72 -33.44
CA LEU B 7 39.14 -5.16 -32.26
C LEU B 7 37.61 -5.21 -32.37
N ASN B 8 37.04 -4.87 -33.53
CA ASN B 8 35.59 -4.98 -33.66
C ASN B 8 35.06 -6.40 -33.41
N LEU B 9 35.72 -7.41 -34.01
CA LEU B 9 35.29 -8.80 -33.80
C LEU B 9 35.34 -9.13 -32.32
N TRP B 10 36.40 -8.68 -31.65
CA TRP B 10 36.63 -8.96 -30.23
C TRP B 10 35.52 -8.35 -29.39
N ILE B 11 35.20 -7.09 -29.70
CA ILE B 11 34.10 -6.42 -29.02
C ILE B 11 32.74 -7.10 -29.22
N LEU B 12 32.45 -7.55 -30.46
CA LEU B 12 31.20 -8.19 -30.75
C LEU B 12 31.07 -9.50 -29.97
N LEU B 13 32.15 -10.27 -29.89
CA LEU B 13 32.13 -11.56 -29.18
C LEU B 13 32.01 -11.30 -27.69
N CYS B 14 32.68 -10.28 -27.16
CA CYS B 14 32.57 -9.91 -25.75
C CYS B 14 31.15 -9.46 -25.44
N ALA B 15 30.49 -8.78 -26.39
CA ALA B 15 29.07 -8.38 -26.26
C ALA B 15 28.17 -9.60 -26.19
N CYS B 16 28.46 -10.63 -27.00
CA CYS B 16 27.73 -11.89 -26.93
C CYS B 16 27.89 -12.51 -25.52
N LEU B 17 29.11 -12.48 -24.98
CA LEU B 17 29.33 -13.03 -23.64
C LEU B 17 28.56 -12.26 -22.56
N VAL B 18 28.47 -10.92 -22.70
CA VAL B 18 27.71 -10.13 -21.76
C VAL B 18 26.25 -10.55 -21.88
N LEU B 19 25.75 -10.83 -23.10
CA LEU B 19 24.37 -11.26 -23.20
C LEU B 19 24.10 -12.54 -22.41
N ILE B 20 25.05 -13.49 -22.34
CA ILE B 20 24.77 -14.72 -21.61
C ILE B 20 24.56 -14.43 -20.12
N MET B 21 25.08 -13.31 -19.62
CA MET B 21 24.83 -12.90 -18.25
C MET B 21 23.33 -12.70 -18.01
N GLN B 22 22.55 -12.31 -19.02
CA GLN B 22 21.12 -12.21 -18.84
C GLN B 22 20.49 -13.58 -18.59
N ALA B 23 20.92 -14.59 -19.34
CA ALA B 23 20.53 -15.97 -19.05
C ALA B 23 20.94 -16.34 -17.62
N GLY B 24 22.16 -15.94 -17.22
CA GLY B 24 22.65 -16.24 -15.87
C GLY B 24 21.79 -15.64 -14.78
N PHE B 25 21.46 -14.35 -14.89
CA PHE B 25 20.60 -13.71 -13.91
C PHE B 25 19.22 -14.35 -13.83
N THR B 26 18.65 -14.67 -14.99
CA THR B 26 17.37 -15.36 -15.04
C THR B 26 17.39 -16.63 -14.19
N CYS B 27 18.41 -17.49 -14.44
CA CYS B 27 18.55 -18.75 -13.71
C CYS B 27 18.76 -18.49 -12.23
N PHE B 28 19.69 -17.57 -11.96
CA PHE B 28 20.08 -17.29 -10.59
C PHE B 28 18.87 -16.86 -9.75
N GLU B 29 18.07 -15.93 -10.28
CA GLU B 29 16.90 -15.45 -9.56
C GLU B 29 15.80 -16.50 -9.47
N SER B 30 15.57 -17.22 -10.60
CA SER B 30 14.55 -18.26 -10.68
C SER B 30 14.67 -19.30 -9.63
N GLY B 31 15.87 -19.79 -9.52
CA GLY B 31 16.21 -20.81 -8.59
C GLY B 31 16.07 -20.37 -7.12
N ASN B 32 16.14 -19.05 -6.85
CA ASN B 32 16.11 -18.53 -5.51
C ASN B 32 14.69 -18.18 -5.11
N VAL B 33 13.67 -18.39 -5.95
CA VAL B 33 12.32 -18.04 -5.56
C VAL B 33 11.48 -19.31 -5.52
N ARG B 34 10.30 -19.23 -4.89
CA ARG B 34 9.41 -20.37 -4.79
C ARG B 34 8.70 -20.62 -6.11
N ASN B 35 8.30 -21.88 -6.32
CA ASN B 35 7.66 -22.29 -7.53
C ASN B 35 6.45 -21.38 -7.89
N LYS B 36 5.67 -20.92 -6.89
CA LYS B 36 4.45 -20.16 -7.18
C LYS B 36 4.78 -18.78 -7.76
N ASN B 37 6.06 -18.34 -7.71
CA ASN B 37 6.56 -17.08 -8.24
C ASN B 37 7.51 -17.20 -9.46
N SER B 38 7.78 -18.43 -9.88
CA SER B 38 8.82 -18.80 -10.85
C SER B 38 8.59 -18.15 -12.24
N VAL B 39 7.35 -18.06 -12.67
N VAL B 39 7.34 -18.09 -12.70
CA VAL B 39 7.08 -17.52 -13.96
CA VAL B 39 7.11 -17.53 -14.01
C VAL B 39 7.30 -16.00 -14.02
C VAL B 39 7.34 -16.01 -14.03
N ASN B 40 7.06 -15.34 -12.90
CA ASN B 40 7.11 -13.90 -12.82
C ASN B 40 8.49 -13.47 -13.16
N VAL B 41 9.39 -14.25 -12.59
CA VAL B 41 10.73 -13.79 -12.52
C VAL B 41 11.27 -13.88 -13.92
N ALA B 42 10.82 -14.86 -14.66
CA ALA B 42 11.19 -14.97 -16.05
C ALA B 42 10.62 -13.90 -16.99
N LEU B 43 9.31 -13.62 -16.82
CA LEU B 43 8.65 -12.63 -17.66
C LEU B 43 9.34 -11.29 -17.47
N LYS B 44 9.66 -10.98 -16.22
CA LYS B 44 10.28 -9.70 -16.02
C LYS B 44 11.73 -9.62 -16.54
N ASN B 45 12.50 -10.72 -16.51
CA ASN B 45 13.87 -10.66 -17.04
C ASN B 45 13.87 -10.43 -18.53
N VAL B 46 12.93 -11.02 -19.26
CA VAL B 46 12.96 -10.81 -20.70
C VAL B 46 12.38 -9.44 -21.04
N SER B 47 11.31 -9.07 -20.30
CA SER B 47 10.63 -7.80 -20.50
C SER B 47 11.55 -6.59 -20.26
N ASP B 48 12.22 -6.56 -19.12
N ASP B 48 12.32 -6.63 -19.12
CA ASP B 48 13.08 -5.46 -18.80
CA ASP B 48 13.28 -5.64 -18.63
C ASP B 48 14.23 -5.34 -19.81
C ASP B 48 14.42 -5.40 -19.63
N PHE B 49 14.80 -6.48 -20.28
CA PHE B 49 15.85 -6.48 -21.26
C PHE B 49 15.37 -5.76 -22.51
N CYS B 50 14.17 -6.07 -22.99
CA CYS B 50 13.64 -5.41 -24.17
C CYS B 50 13.51 -3.90 -23.91
N VAL B 51 12.91 -3.54 -22.80
CA VAL B 51 12.64 -2.14 -22.49
C VAL B 51 13.93 -1.37 -22.44
N CYS B 52 14.94 -1.91 -21.71
N CYS B 52 14.88 -1.98 -21.74
CA CYS B 52 16.22 -1.23 -21.57
CA CYS B 52 16.16 -1.34 -21.51
C CYS B 52 16.90 -1.06 -22.92
C CYS B 52 16.93 -1.12 -22.82
N ALA B 53 16.93 -2.12 -23.71
CA ALA B 53 17.60 -2.02 -25.00
C ALA B 53 16.95 -0.91 -25.86
N VAL B 54 15.62 -0.86 -25.88
CA VAL B 54 14.86 0.12 -26.64
C VAL B 54 15.25 1.53 -26.20
N CYS B 55 15.24 1.75 -24.88
CA CYS B 55 15.60 3.05 -24.34
C CYS B 55 17.03 3.40 -24.69
N TYR B 56 17.97 2.46 -24.48
CA TYR B 56 19.38 2.74 -24.72
C TYR B 56 19.60 3.11 -26.18
N TRP B 57 19.01 2.38 -27.12
CA TRP B 57 19.11 2.69 -28.53
C TRP B 57 18.49 4.07 -28.85
N ALA B 58 17.27 4.30 -28.37
CA ALA B 58 16.55 5.51 -28.73
C ALA B 58 17.26 6.75 -28.20
N PHE B 59 17.64 6.73 -26.93
CA PHE B 59 18.22 7.95 -26.36
C PHE B 59 19.26 7.71 -25.26
N GLY B 60 19.34 6.51 -24.64
CA GLY B 60 20.23 6.31 -23.49
C GLY B 60 21.70 6.42 -23.89
N TYR B 61 22.05 5.90 -25.08
CA TYR B 61 23.41 6.05 -25.57
C TYR B 61 23.72 7.55 -25.81
N ALA B 62 22.76 8.29 -26.34
CA ALA B 62 22.96 9.71 -26.60
C ALA B 62 23.25 10.43 -25.28
N LEU B 63 22.42 10.19 -24.25
CA LEU B 63 22.62 10.82 -22.95
C LEU B 63 23.99 10.48 -22.39
N MET B 64 24.43 9.23 -22.54
CA MET B 64 25.61 8.74 -21.86
C MET B 64 26.87 9.15 -22.59
N TYR B 65 26.85 9.03 -23.92
CA TYR B 65 28.09 9.21 -24.65
C TYR B 65 28.05 10.34 -25.68
N GLY B 66 26.94 11.08 -25.77
CA GLY B 66 26.90 12.22 -26.67
C GLY B 66 27.79 13.37 -26.18
N ASN B 67 28.09 14.33 -27.07
CA ASN B 67 28.82 15.54 -26.67
C ASN B 67 28.00 16.28 -25.61
N SER B 68 28.72 16.74 -24.58
CA SER B 68 28.14 17.12 -23.31
C SER B 68 27.69 18.57 -23.29
N ILE B 69 26.39 18.79 -23.01
CA ILE B 69 25.79 20.12 -22.97
C ILE B 69 26.63 21.00 -22.04
N ASP B 70 26.56 20.68 -20.74
CA ASP B 70 27.27 21.42 -19.72
C ASP B 70 27.95 20.45 -18.75
N GLY B 71 28.33 19.26 -19.25
CA GLY B 71 28.84 18.23 -18.38
C GLY B 71 27.76 17.33 -17.78
N ILE B 72 26.48 17.68 -17.92
CA ILE B 72 25.39 16.97 -17.24
C ILE B 72 24.98 15.73 -18.03
N VAL B 73 24.57 15.90 -19.32
CA VAL B 73 24.13 14.86 -20.23
C VAL B 73 24.72 15.09 -21.63
N GLY B 74 24.90 13.98 -22.36
CA GLY B 74 25.18 14.03 -23.80
C GLY B 74 23.93 14.42 -24.59
N ALA B 75 24.12 14.87 -25.84
CA ALA B 75 23.02 15.44 -26.60
C ALA B 75 22.99 14.97 -28.06
N ASN B 76 23.67 13.87 -28.42
CA ASN B 76 23.62 13.36 -29.80
C ASN B 76 23.91 11.86 -29.84
N GLY B 77 23.48 11.17 -30.93
CA GLY B 77 23.54 9.71 -31.05
C GLY B 77 22.19 9.02 -30.80
N PHE B 78 21.10 9.79 -30.93
CA PHE B 78 19.75 9.28 -30.78
C PHE B 78 19.38 8.31 -31.89
N PHE B 79 18.61 7.27 -31.55
CA PHE B 79 18.30 6.23 -32.53
C PHE B 79 19.56 5.78 -33.26
N TYR B 80 20.61 5.40 -32.50
CA TYR B 80 21.93 5.14 -33.08
C TYR B 80 21.85 4.37 -34.40
N SER B 81 22.46 4.91 -35.48
N SER B 81 22.52 4.91 -35.44
CA SER B 81 22.51 4.19 -36.75
CA SER B 81 22.41 4.38 -36.79
C SER B 81 23.91 4.25 -37.36
C SER B 81 23.76 4.25 -37.47
N THR B 82 24.30 5.41 -37.89
CA THR B 82 25.47 5.47 -38.75
C THR B 82 26.56 6.26 -38.02
N THR B 83 27.78 6.06 -38.46
CA THR B 83 28.93 6.69 -37.85
C THR B 83 30.02 6.74 -38.91
N THR B 84 31.01 7.60 -38.67
CA THR B 84 32.27 7.60 -39.40
C THR B 84 33.38 7.00 -38.53
N ASN B 85 33.07 6.62 -37.28
CA ASN B 85 34.03 5.91 -36.46
C ASN B 85 33.84 4.39 -36.65
N SER B 86 34.89 3.67 -37.10
CA SER B 86 34.76 2.28 -37.51
C SER B 86 34.67 1.34 -36.31
N HIS B 87 34.80 1.86 -35.09
CA HIS B 87 34.65 1.08 -33.87
C HIS B 87 33.37 1.39 -33.10
N GLU B 88 32.64 2.42 -33.53
CA GLU B 88 31.57 2.90 -32.68
C GLU B 88 30.38 1.95 -32.65
N THR B 89 30.02 1.28 -33.76
CA THR B 89 28.83 0.45 -33.76
C THR B 89 28.98 -0.75 -32.79
N SER B 90 30.15 -1.40 -32.77
CA SER B 90 30.47 -2.48 -31.86
C SER B 90 30.39 -1.97 -30.43
N PHE B 91 31.03 -0.82 -30.23
CA PHE B 91 31.01 -0.18 -28.92
C PHE B 91 29.57 0.09 -28.43
N PHE B 92 28.73 0.62 -29.29
CA PHE B 92 27.34 0.87 -28.99
C PHE B 92 26.65 -0.40 -28.50
N LEU B 93 26.84 -1.51 -29.23
CA LEU B 93 26.17 -2.76 -28.88
C LEU B 93 26.65 -3.23 -27.50
N PHE B 94 27.97 -3.20 -27.30
CA PHE B 94 28.54 -3.63 -26.04
C PHE B 94 27.96 -2.78 -24.90
N GLN B 95 27.92 -1.46 -25.12
CA GLN B 95 27.46 -0.55 -24.07
C GLN B 95 25.98 -0.75 -23.78
N LEU B 96 25.18 -1.06 -24.80
CA LEU B 96 23.78 -1.39 -24.67
C LEU B 96 23.63 -2.63 -23.75
N MET B 97 24.47 -3.65 -23.92
CA MET B 97 24.44 -4.82 -23.05
C MET B 97 24.77 -4.44 -21.61
N PHE B 98 25.68 -3.47 -21.42
CA PHE B 98 26.02 -3.02 -20.07
C PHE B 98 24.84 -2.31 -19.41
N CYS B 99 24.12 -1.49 -20.18
CA CYS B 99 22.92 -0.83 -19.62
C CYS B 99 21.88 -1.88 -19.20
N CYS B 100 21.64 -2.87 -20.04
CA CYS B 100 20.73 -3.94 -19.72
C CYS B 100 21.18 -4.75 -18.50
N THR B 101 22.49 -4.95 -18.35
CA THR B 101 23.05 -5.60 -17.19
C THR B 101 22.71 -4.87 -15.92
N SER B 102 23.01 -3.56 -15.88
CA SER B 102 22.74 -2.73 -14.71
C SER B 102 21.28 -2.79 -14.31
N ALA B 103 20.37 -2.67 -15.26
CA ALA B 103 18.96 -2.69 -14.91
C ALA B 103 18.49 -4.07 -14.39
N THR B 104 18.97 -5.17 -15.04
N THR B 104 18.98 -5.15 -15.00
CA THR B 104 18.62 -6.54 -14.66
CA THR B 104 18.45 -6.42 -14.55
C THR B 104 18.97 -6.79 -13.19
C THR B 104 18.94 -6.76 -13.15
N ILE B 105 20.12 -6.23 -12.77
CA ILE B 105 20.65 -6.41 -11.42
C ILE B 105 19.62 -5.98 -10.39
N ILE B 106 18.89 -4.91 -10.75
CA ILE B 106 17.99 -4.28 -9.80
C ILE B 106 16.95 -5.26 -9.39
N SER B 107 16.44 -6.08 -10.32
CA SER B 107 15.20 -6.82 -10.19
C SER B 107 15.18 -8.02 -9.29
N GLY B 108 16.35 -8.63 -8.96
CA GLY B 108 16.36 -9.77 -8.07
C GLY B 108 16.11 -9.46 -6.61
N ALA B 109 16.27 -8.21 -6.19
CA ALA B 109 16.11 -7.91 -4.79
C ALA B 109 14.65 -7.96 -4.38
N VAL B 110 13.74 -7.57 -5.29
CA VAL B 110 12.35 -7.32 -4.94
C VAL B 110 11.43 -8.49 -5.24
N ALA B 111 12.03 -9.63 -5.57
CA ALA B 111 11.28 -10.81 -5.95
C ALA B 111 10.21 -11.21 -4.91
N GLU B 112 9.15 -11.84 -5.49
CA GLU B 112 8.02 -12.48 -4.84
C GLU B 112 6.98 -11.50 -4.30
N ARG B 113 7.19 -10.18 -4.39
CA ARG B 113 6.15 -9.27 -3.99
C ARG B 113 6.06 -7.96 -4.77
N MET B 114 6.81 -7.75 -5.86
CA MET B 114 6.66 -6.52 -6.62
C MET B 114 5.80 -6.80 -7.85
N ARG B 115 4.87 -5.89 -8.10
CA ARG B 115 4.00 -6.11 -9.25
C ARG B 115 4.80 -5.94 -10.55
N PHE B 116 4.38 -6.64 -11.59
CA PHE B 116 5.08 -6.66 -12.85
C PHE B 116 5.32 -5.23 -13.39
N THR B 117 4.25 -4.41 -13.44
CA THR B 117 4.39 -3.08 -14.05
C THR B 117 5.34 -2.21 -13.24
N GLY B 118 5.49 -2.50 -11.92
CA GLY B 118 6.49 -1.83 -11.10
C GLY B 118 7.90 -2.05 -11.60
N TYR B 119 8.25 -3.31 -11.95
CA TYR B 119 9.52 -3.68 -12.57
C TYR B 119 9.74 -2.85 -13.83
N ILE B 120 8.73 -2.79 -14.69
CA ILE B 120 8.86 -2.06 -15.95
C ILE B 120 9.19 -0.58 -15.63
N LEU B 121 8.42 0.04 -14.70
CA LEU B 121 8.61 1.45 -14.40
C LEU B 121 9.99 1.75 -13.86
N VAL B 122 10.45 0.89 -12.96
CA VAL B 122 11.77 1.00 -12.38
C VAL B 122 12.84 0.80 -13.42
N THR B 123 12.68 -0.18 -14.34
CA THR B 123 13.60 -0.34 -15.45
C THR B 123 13.67 0.94 -16.29
N LEU B 124 12.50 1.50 -16.62
CA LEU B 124 12.47 2.73 -17.39
C LEU B 124 13.28 3.84 -16.72
N LEU B 125 13.12 4.00 -15.41
CA LEU B 125 13.88 5.00 -14.67
C LEU B 125 15.38 4.75 -14.77
N ALA B 126 15.78 3.48 -14.60
CA ALA B 126 17.17 3.09 -14.61
C ALA B 126 17.76 3.38 -15.98
N ALA B 127 17.08 2.93 -17.02
CA ALA B 127 17.65 2.98 -18.34
C ALA B 127 17.57 4.39 -18.94
N SER B 128 16.61 5.19 -18.49
CA SER B 128 16.34 6.47 -19.13
C SER B 128 17.15 7.61 -18.51
N LEU B 129 17.32 7.56 -17.19
CA LEU B 129 17.83 8.67 -16.43
C LEU B 129 19.08 8.26 -15.62
N ILE B 130 18.98 7.25 -14.76
CA ILE B 130 20.01 7.05 -13.74
C ILE B 130 21.29 6.52 -14.39
N TYR B 131 21.17 5.38 -15.09
CA TYR B 131 22.35 4.71 -15.61
C TYR B 131 23.04 5.63 -16.63
N PRO B 132 22.36 6.24 -17.62
CA PRO B 132 23.11 6.98 -18.63
C PRO B 132 23.72 8.28 -18.12
N LEU B 133 23.05 8.92 -17.18
CA LEU B 133 23.61 10.14 -16.62
C LEU B 133 24.86 9.85 -15.79
N PHE B 134 24.80 8.90 -14.84
CA PHE B 134 25.98 8.57 -14.07
C PHE B 134 27.07 8.06 -15.01
N GLY B 135 26.63 7.27 -16.01
CA GLY B 135 27.55 6.80 -17.04
C GLY B 135 28.30 7.92 -17.75
N HIS B 136 27.57 8.96 -18.15
CA HIS B 136 28.16 10.17 -18.75
C HIS B 136 29.22 10.78 -17.83
N TRP B 137 28.88 10.91 -16.55
CA TRP B 137 29.83 11.51 -15.60
C TRP B 137 31.13 10.71 -15.53
N ALA B 138 31.06 9.39 -15.43
CA ALA B 138 32.20 8.51 -15.17
C ALA B 138 32.95 8.11 -16.43
N TRP B 139 32.24 7.94 -17.55
CA TRP B 139 32.83 7.33 -18.75
C TRP B 139 32.51 8.11 -20.03
N GLY B 140 31.95 9.32 -19.93
CA GLY B 140 31.48 10.08 -21.06
C GLY B 140 32.50 10.24 -22.18
N GLY B 141 33.79 10.25 -21.83
CA GLY B 141 34.84 10.48 -22.81
C GLY B 141 35.43 9.22 -23.42
N ARG B 142 35.02 8.06 -22.91
CA ARG B 142 35.72 6.82 -23.19
C ARG B 142 34.97 6.09 -24.31
N ILE B 143 34.93 6.72 -25.49
CA ILE B 143 34.27 6.23 -26.68
C ILE B 143 35.32 5.57 -27.60
N LEU B 144 35.15 4.26 -27.81
CA LEU B 144 36.17 3.47 -28.53
C LEU B 144 36.36 4.04 -29.93
N GLY B 145 37.60 4.41 -30.22
CA GLY B 145 38.00 4.82 -31.55
C GLY B 145 37.79 6.32 -31.80
N SER B 146 37.21 7.04 -30.83
CA SER B 146 36.97 8.46 -31.00
C SER B 146 38.27 9.22 -30.77
N GLU B 147 38.52 10.26 -31.56
CA GLU B 147 39.71 11.05 -31.30
C GLU B 147 39.29 12.41 -30.71
N THR B 148 37.98 12.70 -30.67
CA THR B 148 37.51 14.05 -30.38
C THR B 148 36.55 14.11 -29.18
N SER B 149 36.61 13.14 -28.26
CA SER B 149 35.71 13.14 -27.11
C SER B 149 36.22 14.00 -25.96
N THR B 150 35.32 14.27 -25.02
CA THR B 150 35.52 15.06 -23.83
C THR B 150 35.14 14.21 -22.60
N PRO B 151 35.95 14.20 -21.54
CA PRO B 151 35.63 13.38 -20.38
C PRO B 151 34.39 13.89 -19.67
N GLY B 152 33.64 13.01 -19.01
CA GLY B 152 32.68 13.41 -18.00
C GLY B 152 33.38 14.10 -16.82
N TRP B 153 32.63 14.80 -15.97
CA TRP B 153 33.25 15.63 -14.92
C TRP B 153 33.93 14.73 -13.89
N LEU B 154 33.41 13.52 -13.66
CA LEU B 154 33.98 12.64 -12.64
C LEU B 154 35.21 11.94 -13.22
N GLU B 155 35.10 11.48 -14.47
CA GLU B 155 36.23 10.94 -15.23
C GLU B 155 37.37 11.98 -15.22
N GLN B 156 37.03 13.23 -15.49
CA GLN B 156 38.03 14.29 -15.57
C GLN B 156 38.78 14.44 -14.24
N LEU B 157 38.07 14.31 -13.10
CA LEU B 157 38.74 14.40 -11.80
C LEU B 157 39.67 13.22 -11.52
N GLY B 158 39.63 12.12 -12.27
CA GLY B 158 40.56 11.01 -12.07
C GLY B 158 39.89 9.72 -11.60
N PHE B 159 38.55 9.73 -11.54
CA PHE B 159 37.81 8.56 -11.11
C PHE B 159 38.11 7.42 -12.09
N ILE B 160 38.44 6.26 -11.53
CA ILE B 160 38.75 5.09 -12.35
C ILE B 160 37.73 3.97 -12.07
N ASP B 161 37.20 3.39 -13.14
CA ASP B 161 36.32 2.23 -13.04
C ASP B 161 36.46 1.47 -14.35
N PHE B 162 37.27 0.40 -14.33
CA PHE B 162 37.65 -0.29 -15.56
C PHE B 162 36.40 -0.78 -16.34
N ALA B 163 35.55 -1.55 -15.65
CA ALA B 163 34.41 -2.15 -16.32
C ALA B 163 33.09 -1.96 -15.55
N GLY B 164 33.04 -1.13 -14.48
CA GLY B 164 31.75 -0.72 -13.95
C GLY B 164 31.35 -1.28 -12.59
N ALA B 165 32.31 -1.45 -11.69
CA ALA B 165 32.02 -1.76 -10.30
C ALA B 165 31.06 -0.75 -9.73
N THR B 166 31.28 0.52 -10.12
CA THR B 166 30.36 1.58 -9.73
C THR B 166 29.32 1.79 -10.83
N VAL B 167 29.77 2.02 -12.08
CA VAL B 167 28.87 2.46 -13.15
C VAL B 167 27.71 1.47 -13.39
N VAL B 168 28.01 0.15 -13.36
CA VAL B 168 26.99 -0.88 -13.59
C VAL B 168 26.46 -1.46 -12.29
N HIS B 169 27.38 -1.99 -11.47
CA HIS B 169 27.03 -2.81 -10.33
C HIS B 169 26.52 -2.00 -9.17
N SER B 170 27.16 -0.86 -8.83
CA SER B 170 26.68 -0.08 -7.69
C SER B 170 25.41 0.68 -8.08
N VAL B 171 25.32 1.23 -9.28
CA VAL B 171 24.09 1.88 -9.71
C VAL B 171 22.93 0.90 -9.58
N GLY B 172 23.10 -0.35 -10.06
CA GLY B 172 22.01 -1.32 -9.95
C GLY B 172 21.72 -1.67 -8.49
N GLY B 173 22.79 -1.86 -7.69
CA GLY B 173 22.60 -2.17 -6.30
C GLY B 173 21.91 -1.08 -5.47
N TRP B 174 22.24 0.19 -5.71
CA TRP B 174 21.58 1.27 -4.98
C TRP B 174 20.10 1.29 -5.33
N MET B 175 19.78 1.15 -6.62
CA MET B 175 18.40 1.18 -7.05
C MET B 175 17.63 -0.03 -6.48
N ALA B 176 18.28 -1.16 -6.34
CA ALA B 176 17.70 -2.33 -5.69
C ALA B 176 17.38 -2.02 -4.24
N LEU B 177 18.35 -1.39 -3.56
CA LEU B 177 18.15 -1.09 -2.15
C LEU B 177 16.93 -0.19 -1.96
N ALA B 178 16.85 0.84 -2.82
CA ALA B 178 15.70 1.75 -2.79
C ALA B 178 14.39 0.95 -2.96
N CYS B 179 14.36 0.05 -3.94
CA CYS B 179 13.17 -0.75 -4.19
C CYS B 179 12.79 -1.61 -2.99
N VAL B 180 13.76 -2.28 -2.36
CA VAL B 180 13.39 -3.20 -1.29
C VAL B 180 12.92 -2.46 -0.05
N LEU B 181 13.49 -1.28 0.26
CA LEU B 181 13.05 -0.50 1.40
C LEU B 181 11.62 -0.04 1.20
N ILE B 182 11.30 0.40 -0.02
CA ILE B 182 9.98 0.96 -0.31
C ILE B 182 8.93 -0.17 -0.36
N ILE B 183 9.18 -1.29 -1.00
CA ILE B 183 8.10 -2.26 -1.06
C ILE B 183 8.05 -3.11 0.20
N GLY B 184 9.19 -3.30 0.87
CA GLY B 184 9.17 -3.94 2.17
C GLY B 184 9.41 -5.44 2.06
N PRO B 185 9.55 -6.12 3.22
CA PRO B 185 9.91 -7.52 3.23
C PRO B 185 8.77 -8.46 2.83
N ARG B 186 9.13 -9.62 2.30
CA ARG B 186 8.11 -10.62 1.99
C ARG B 186 7.33 -10.99 3.26
N LEU B 187 6.05 -11.36 3.08
CA LEU B 187 5.31 -11.94 4.19
C LEU B 187 6.02 -13.21 4.68
N GLY B 188 6.19 -13.34 5.99
CA GLY B 188 6.74 -14.54 6.56
C GLY B 188 8.26 -14.47 6.74
N ARG B 189 8.92 -13.42 6.25
CA ARG B 189 10.37 -13.38 6.27
C ARG B 189 10.90 -13.05 7.67
N PHE B 190 10.37 -12.02 8.31
CA PHE B 190 10.85 -11.53 9.61
C PHE B 190 9.71 -11.58 10.62
N ASN B 191 10.01 -11.60 11.93
CA ASN B 191 8.93 -11.65 12.92
C ASN B 191 9.32 -10.94 14.24
N ASN B 192 8.33 -10.27 14.83
CA ASN B 192 8.36 -9.53 16.10
C ASN B 192 9.69 -8.81 16.33
N LYS B 193 10.52 -9.29 17.28
CA LYS B 193 11.69 -8.53 17.70
C LYS B 193 12.81 -8.73 16.68
N HIS B 194 13.29 -9.98 16.54
CA HIS B 194 14.49 -10.29 15.78
C HIS B 194 14.40 -11.70 15.18
N GLY B 195 13.16 -12.23 15.06
CA GLY B 195 12.92 -13.48 14.34
C GLY B 195 13.20 -13.35 12.83
N VAL B 196 13.84 -14.38 12.27
CA VAL B 196 14.26 -14.39 10.87
C VAL B 196 13.96 -15.77 10.33
N ASN B 197 13.00 -15.87 9.39
CA ASN B 197 12.72 -17.13 8.72
C ASN B 197 13.40 -17.13 7.37
N GLN B 198 14.16 -18.19 7.07
CA GLN B 198 14.67 -18.35 5.72
C GLN B 198 13.49 -18.75 4.80
N ILE B 199 13.45 -18.11 3.63
CA ILE B 199 12.61 -18.58 2.56
C ILE B 199 13.54 -19.05 1.43
N PHE B 200 13.44 -20.32 1.08
CA PHE B 200 14.41 -20.93 0.19
C PHE B 200 13.78 -21.06 -1.19
N GLY B 201 14.61 -20.83 -2.21
CA GLY B 201 14.24 -21.09 -3.59
C GLY B 201 13.86 -22.55 -3.84
N ASP B 202 13.05 -22.79 -4.85
CA ASP B 202 12.66 -24.14 -5.19
C ASP B 202 13.49 -24.69 -6.35
N ASN B 203 14.47 -23.99 -6.90
CA ASN B 203 15.24 -24.67 -7.97
C ASN B 203 16.70 -24.26 -7.91
N LEU B 204 17.31 -24.61 -6.76
CA LEU B 204 18.66 -24.14 -6.45
C LEU B 204 19.66 -24.68 -7.47
N PRO B 205 19.51 -25.81 -8.13
CA PRO B 205 20.46 -26.19 -9.18
C PRO B 205 20.52 -25.18 -10.30
N LEU B 206 19.40 -24.54 -10.61
CA LEU B 206 19.41 -23.46 -11.62
C LEU B 206 20.22 -22.28 -11.16
N THR B 207 20.41 -22.13 -9.83
CA THR B 207 21.22 -21.01 -9.40
C THR B 207 22.68 -21.27 -9.64
N ALA B 208 23.14 -22.49 -9.51
CA ALA B 208 24.47 -22.81 -9.89
C ALA B 208 24.70 -22.64 -11.40
N LEU B 209 23.79 -23.17 -12.24
CA LEU B 209 23.92 -22.87 -13.68
C LEU B 209 24.09 -21.36 -13.84
N GLY B 210 23.19 -20.63 -13.20
CA GLY B 210 23.20 -19.21 -13.39
C GLY B 210 24.54 -18.59 -12.98
N THR B 211 25.12 -19.09 -11.87
CA THR B 211 26.42 -18.62 -11.39
C THR B 211 27.52 -18.88 -12.42
N PHE B 212 27.54 -20.08 -13.04
CA PHE B 212 28.54 -20.36 -14.05
C PHE B 212 28.34 -19.51 -15.31
N LEU B 213 27.07 -19.24 -15.66
CA LEU B 213 26.79 -18.42 -16.85
C LEU B 213 27.24 -16.96 -16.60
N LEU B 214 26.96 -16.46 -15.41
CA LEU B 214 27.42 -15.14 -15.01
C LEU B 214 28.95 -15.08 -15.10
N PHE B 215 29.63 -16.09 -14.54
CA PHE B 215 31.07 -16.13 -14.49
C PHE B 215 31.61 -16.08 -15.92
N LEU B 216 31.07 -16.94 -16.77
CA LEU B 216 31.43 -16.96 -18.18
C LEU B 216 31.28 -15.59 -18.82
N GLY B 217 30.10 -15.02 -18.61
CA GLY B 217 29.81 -13.74 -19.22
C GLY B 217 30.73 -12.63 -18.74
N TRP B 218 31.18 -12.73 -17.47
CA TRP B 218 32.03 -11.72 -16.91
C TRP B 218 33.35 -11.56 -17.66
N PHE B 219 33.83 -12.64 -18.26
CA PHE B 219 35.04 -12.55 -19.03
C PHE B 219 34.83 -11.59 -20.20
N GLY B 220 33.66 -11.63 -20.81
CA GLY B 220 33.37 -10.68 -21.89
C GLY B 220 33.11 -9.28 -21.38
N PHE B 221 32.45 -9.18 -20.22
CA PHE B 221 32.19 -7.92 -19.53
C PHE B 221 33.53 -7.16 -19.33
N ASN B 222 34.52 -7.85 -18.76
CA ASN B 222 35.84 -7.26 -18.55
C ASN B 222 36.63 -7.14 -19.85
N GLY B 223 36.67 -8.21 -20.67
CA GLY B 223 37.51 -8.25 -21.85
C GLY B 223 37.05 -7.21 -22.89
N GLY B 224 35.77 -6.89 -22.93
CA GLY B 224 35.30 -5.94 -23.93
C GLY B 224 35.43 -4.47 -23.48
N SER B 225 35.85 -4.29 -22.22
CA SER B 225 36.03 -2.96 -21.66
C SER B 225 37.50 -2.54 -21.86
N TYR B 226 38.34 -3.40 -22.41
CA TYR B 226 39.78 -3.21 -22.39
C TYR B 226 40.19 -2.09 -23.33
N GLY B 227 39.42 -1.87 -24.40
CA GLY B 227 39.63 -0.72 -25.27
C GLY B 227 40.73 -0.96 -26.30
N LYS B 228 41.09 -2.20 -26.53
N LYS B 228 41.13 -2.21 -26.50
CA LYS B 228 42.17 -2.37 -27.50
CA LYS B 228 42.21 -2.41 -27.45
C LYS B 228 42.67 -3.79 -27.37
C LYS B 228 42.71 -3.83 -27.35
N ILE B 229 43.76 -4.03 -28.09
N ILE B 229 43.75 -4.11 -28.11
CA ILE B 229 44.42 -5.29 -27.81
CA ILE B 229 44.45 -5.36 -27.90
C ILE B 229 45.92 -5.01 -27.67
C ILE B 229 45.92 -5.03 -27.69
N ASP B 230 46.47 -5.54 -26.58
CA ASP B 230 47.90 -5.52 -26.32
C ASP B 230 48.14 -6.84 -25.58
N ASP B 231 49.42 -7.07 -25.27
CA ASP B 231 49.84 -8.32 -24.68
C ASP B 231 49.41 -8.44 -23.22
N MET B 232 48.83 -7.40 -22.59
CA MET B 232 48.33 -7.53 -21.21
C MET B 232 46.82 -7.89 -21.13
N LEU B 233 46.16 -8.13 -22.25
CA LEU B 233 44.73 -8.41 -22.18
C LEU B 233 44.48 -9.70 -21.40
N SER B 234 45.32 -10.72 -21.60
CA SER B 234 45.07 -12.02 -20.99
C SER B 234 45.17 -11.92 -19.47
N SER B 235 45.89 -10.94 -18.95
N SER B 235 45.91 -10.94 -18.96
CA SER B 235 45.96 -10.75 -17.51
CA SER B 235 45.99 -10.67 -17.53
C SER B 235 44.62 -10.25 -16.94
C SER B 235 44.61 -10.27 -16.97
N VAL B 236 43.80 -9.54 -17.74
CA VAL B 236 42.43 -9.22 -17.35
C VAL B 236 41.61 -10.48 -17.09
N PHE B 237 41.79 -11.49 -17.95
CA PHE B 237 41.08 -12.75 -17.85
C PHE B 237 41.50 -13.53 -16.62
N VAL B 238 42.82 -13.60 -16.36
CA VAL B 238 43.31 -14.30 -15.19
C VAL B 238 42.80 -13.63 -13.94
N ASN B 239 42.80 -12.30 -13.86
CA ASN B 239 42.32 -11.58 -12.71
C ASN B 239 40.81 -11.78 -12.46
N THR B 240 40.06 -11.93 -13.55
CA THR B 240 38.64 -12.25 -13.52
C THR B 240 38.40 -13.62 -12.90
N ALA B 241 39.16 -14.61 -13.37
CA ALA B 241 39.02 -15.97 -12.89
C ALA B 241 39.39 -16.03 -11.40
N LEU B 242 40.48 -15.34 -11.00
CA LEU B 242 40.89 -15.35 -9.61
C LEU B 242 39.94 -14.57 -8.72
N GLY B 243 39.40 -13.43 -9.15
CA GLY B 243 38.44 -12.73 -8.33
C GLY B 243 37.25 -13.57 -7.95
N GLY B 244 36.64 -14.19 -8.96
CA GLY B 244 35.49 -15.04 -8.71
C GLY B 244 35.83 -16.28 -7.87
N THR B 245 36.88 -17.03 -8.25
CA THR B 245 37.20 -18.24 -7.52
C THR B 245 37.61 -17.97 -6.07
N PHE B 246 38.38 -16.93 -5.80
CA PHE B 246 38.65 -16.58 -4.42
C PHE B 246 37.45 -16.07 -3.66
N GLY B 247 36.54 -15.31 -4.29
CA GLY B 247 35.29 -14.93 -3.62
C GLY B 247 34.53 -16.16 -3.12
N GLY B 248 34.49 -17.20 -3.98
CA GLY B 248 33.82 -18.41 -3.57
C GLY B 248 34.59 -19.17 -2.49
N PHE B 249 35.91 -19.27 -2.72
CA PHE B 249 36.75 -20.08 -1.87
C PHE B 249 36.79 -19.53 -0.44
N VAL B 250 36.89 -18.20 -0.30
CA VAL B 250 36.87 -17.58 1.02
C VAL B 250 35.54 -17.85 1.70
N VAL B 251 34.42 -17.72 0.99
CA VAL B 251 33.15 -17.99 1.63
C VAL B 251 33.05 -19.48 2.02
N LEU B 252 33.63 -20.34 1.18
CA LEU B 252 33.56 -21.78 1.44
C LEU B 252 34.23 -22.08 2.76
N LEU B 253 35.42 -21.48 2.99
CA LEU B 253 36.12 -21.65 4.23
C LEU B 253 35.22 -21.18 5.38
N ILE B 254 34.81 -19.88 5.36
CA ILE B 254 33.87 -19.37 6.34
C ILE B 254 32.79 -20.43 6.57
N CYS B 255 32.17 -20.95 5.50
CA CYS B 255 30.92 -21.71 5.60
C CYS B 255 31.17 -23.10 6.20
N ILE B 256 32.24 -23.75 5.72
CA ILE B 256 32.61 -25.02 6.32
C ILE B 256 32.81 -24.74 7.80
N TRP B 257 33.52 -23.66 8.12
CA TRP B 257 33.96 -23.48 9.51
C TRP B 257 32.74 -23.20 10.42
N GLN B 258 31.86 -22.27 10.06
CA GLN B 258 30.57 -22.06 10.72
C GLN B 258 29.43 -23.08 10.45
N GLN B 259 29.62 -24.14 9.66
CA GLN B 259 28.54 -25.04 9.24
C GLN B 259 27.26 -24.27 8.85
N SER B 260 27.32 -23.33 7.91
CA SER B 260 26.13 -22.65 7.42
C SER B 260 25.05 -23.61 6.89
N LEU B 261 23.82 -23.34 7.34
CA LEU B 261 22.57 -23.69 6.67
C LEU B 261 22.65 -23.23 5.21
N LEU B 262 22.23 -24.09 4.25
CA LEU B 262 22.20 -23.71 2.84
C LEU B 262 23.43 -22.88 2.43
N SER B 263 24.64 -23.44 2.60
N SER B 263 24.64 -23.44 2.63
CA SER B 263 25.86 -22.73 2.27
CA SER B 263 25.85 -22.71 2.26
C SER B 263 26.03 -22.58 0.76
C SER B 263 25.85 -22.39 0.77
N ILE B 264 25.07 -23.12 0.00
CA ILE B 264 25.15 -23.02 -1.45
C ILE B 264 24.82 -21.57 -1.79
N ARG B 265 23.82 -21.02 -1.11
CA ARG B 265 23.51 -19.65 -1.45
C ARG B 265 24.77 -18.81 -1.26
N PHE B 266 25.53 -19.10 -0.14
CA PHE B 266 26.51 -18.09 0.28
C PHE B 266 27.72 -18.20 -0.63
N VAL B 267 28.19 -19.42 -0.93
CA VAL B 267 29.34 -19.61 -1.78
C VAL B 267 29.07 -19.02 -3.18
N LEU B 268 27.87 -19.27 -3.73
N LEU B 268 27.88 -19.28 -3.73
CA LEU B 268 27.57 -18.77 -5.07
CA LEU B 268 27.55 -18.77 -5.06
C LEU B 268 27.62 -17.23 -5.10
C LEU B 268 27.66 -17.24 -5.08
N ASN B 269 27.06 -16.58 -4.08
CA ASN B 269 27.08 -15.13 -3.98
C ASN B 269 28.52 -14.64 -3.80
N GLY B 270 29.33 -15.42 -3.09
CA GLY B 270 30.72 -15.04 -2.95
C GLY B 270 31.50 -14.98 -4.26
N VAL B 271 31.28 -15.98 -5.10
CA VAL B 271 31.82 -15.95 -6.46
C VAL B 271 31.44 -14.65 -7.15
N LEU B 272 30.15 -14.36 -7.18
CA LEU B 272 29.65 -13.17 -7.87
C LEU B 272 30.26 -11.89 -7.26
N ALA B 273 30.39 -11.85 -5.92
CA ALA B 273 30.89 -10.64 -5.24
C ALA B 273 32.35 -10.43 -5.61
N GLY B 274 33.08 -11.56 -5.70
CA GLY B 274 34.48 -11.47 -6.06
C GLY B 274 34.67 -10.93 -7.48
N LEU B 275 33.81 -11.35 -8.41
CA LEU B 275 33.81 -10.86 -9.78
C LEU B 275 33.47 -9.37 -9.82
N VAL B 276 32.44 -8.99 -9.08
CA VAL B 276 32.12 -7.54 -9.04
C VAL B 276 33.31 -6.70 -8.57
N ALA B 277 33.97 -7.12 -7.50
CA ALA B 277 35.06 -6.33 -6.90
C ALA B 277 36.21 -6.13 -7.89
N ILE B 278 36.51 -7.15 -8.72
CA ILE B 278 37.64 -7.02 -9.62
C ILE B 278 37.30 -6.22 -10.88
N THR B 279 36.02 -5.95 -11.10
CA THR B 279 35.54 -5.21 -12.26
C THR B 279 36.10 -3.78 -12.32
N ALA B 280 36.38 -3.18 -11.17
CA ALA B 280 36.99 -1.85 -11.14
C ALA B 280 38.44 -1.84 -11.65
N SER B 281 39.15 -2.94 -11.45
CA SER B 281 40.60 -2.87 -11.48
C SER B 281 41.28 -4.03 -12.18
N ALA B 282 40.52 -4.86 -12.96
CA ALA B 282 41.09 -6.09 -13.50
C ALA B 282 42.32 -5.87 -14.40
N ASN B 283 42.42 -4.70 -15.02
CA ASN B 283 43.48 -4.31 -15.94
C ASN B 283 44.72 -3.72 -15.26
N SER B 284 44.65 -3.44 -13.94
CA SER B 284 45.62 -2.58 -13.27
C SER B 284 46.22 -3.27 -12.04
N ILE B 285 45.89 -4.56 -11.83
CA ILE B 285 46.27 -5.26 -10.58
C ILE B 285 46.99 -6.55 -10.93
N SER B 286 47.75 -7.10 -9.99
CA SER B 286 48.39 -8.39 -10.13
C SER B 286 47.39 -9.51 -9.82
N SER B 287 47.80 -10.75 -10.17
CA SER B 287 47.02 -11.93 -9.88
C SER B 287 46.85 -12.07 -8.38
N ILE B 288 47.90 -11.77 -7.59
CA ILE B 288 47.80 -11.87 -6.14
C ILE B 288 46.81 -10.84 -5.61
N ASP B 289 46.84 -9.62 -6.13
CA ASP B 289 45.92 -8.55 -5.73
C ASP B 289 44.49 -8.98 -6.10
N ALA B 290 44.31 -9.63 -7.26
CA ALA B 290 42.98 -10.06 -7.74
C ALA B 290 42.39 -11.11 -6.80
N ALA B 291 43.19 -12.09 -6.44
CA ALA B 291 42.82 -13.07 -5.43
C ALA B 291 42.42 -12.42 -4.10
N THR B 292 43.22 -11.42 -3.65
CA THR B 292 42.96 -10.75 -2.39
C THR B 292 41.65 -9.95 -2.45
N ILE B 293 41.52 -9.14 -3.49
CA ILE B 293 40.35 -8.29 -3.63
C ILE B 293 39.08 -9.18 -3.69
N GLY B 294 39.10 -10.19 -4.55
CA GLY B 294 37.98 -11.13 -4.71
C GLY B 294 37.61 -11.87 -3.45
N GLY B 295 38.62 -12.36 -2.73
CA GLY B 295 38.42 -13.01 -1.45
C GLY B 295 37.78 -12.12 -0.41
N ILE B 296 38.31 -10.92 -0.27
CA ILE B 296 37.72 -10.00 0.69
C ILE B 296 36.28 -9.71 0.29
N SER B 297 36.01 -9.55 -1.02
CA SER B 297 34.66 -9.27 -1.47
C SER B 297 33.71 -10.41 -1.07
N GLY B 298 34.20 -11.65 -1.25
CA GLY B 298 33.43 -12.80 -0.80
C GLY B 298 33.02 -12.72 0.67
N ALA B 299 34.02 -12.40 1.50
CA ALA B 299 33.82 -12.33 2.94
C ALA B 299 32.83 -11.19 3.22
N LEU B 300 33.02 -10.07 2.57
CA LEU B 300 32.13 -8.95 2.84
C LEU B 300 30.70 -9.31 2.43
N SER B 301 30.53 -10.06 1.33
CA SER B 301 29.19 -10.42 0.85
C SER B 301 28.45 -11.27 1.88
N PHE B 302 29.17 -12.20 2.46
CA PHE B 302 28.66 -13.06 3.49
C PHE B 302 28.18 -12.22 4.70
N PHE B 303 29.03 -11.31 5.17
CA PHE B 303 28.66 -10.56 6.36
C PHE B 303 27.57 -9.58 5.99
N ALA B 304 27.61 -8.99 4.80
CA ALA B 304 26.57 -8.04 4.41
C ALA B 304 25.20 -8.72 4.35
N THR B 305 25.11 -9.98 3.92
CA THR B 305 23.86 -10.72 3.86
C THR B 305 23.27 -10.87 5.27
N ILE B 306 24.13 -11.26 6.23
CA ILE B 306 23.68 -11.39 7.61
C ILE B 306 23.22 -10.03 8.13
N LEU B 307 24.02 -8.98 7.89
CA LEU B 307 23.66 -7.66 8.39
C LEU B 307 22.32 -7.17 7.82
N LEU B 308 22.04 -7.34 6.51
CA LEU B 308 20.75 -6.91 5.98
C LEU B 308 19.60 -7.57 6.71
N GLU B 309 19.77 -8.85 7.05
CA GLU B 309 18.73 -9.59 7.75
C GLU B 309 18.46 -8.97 9.12
N LYS B 310 19.54 -8.55 9.79
CA LYS B 310 19.42 -7.89 11.08
C LYS B 310 18.71 -6.55 10.93
N CYS B 311 18.82 -5.89 9.78
CA CYS B 311 18.12 -4.64 9.54
C CYS B 311 16.70 -4.86 9.04
N LYS B 312 16.25 -6.11 8.95
CA LYS B 312 14.94 -6.43 8.41
C LYS B 312 14.78 -5.89 6.97
N ILE B 313 15.84 -5.96 6.16
CA ILE B 313 15.76 -5.68 4.72
C ILE B 313 15.80 -7.02 4.01
N ASP B 314 14.83 -7.23 3.09
CA ASP B 314 14.68 -8.52 2.47
C ASP B 314 15.09 -8.44 1.00
N ASP B 315 16.34 -8.74 0.75
CA ASP B 315 16.93 -8.71 -0.56
C ASP B 315 17.06 -10.15 -1.01
N VAL B 316 16.14 -10.58 -1.90
CA VAL B 316 15.94 -12.02 -2.05
C VAL B 316 17.20 -12.71 -2.53
N VAL B 317 17.82 -12.23 -3.59
CA VAL B 317 19.00 -12.88 -4.12
C VAL B 317 20.32 -12.24 -3.64
N SER B 318 20.25 -11.29 -2.71
CA SER B 318 21.46 -10.65 -2.19
C SER B 318 22.12 -9.77 -3.25
N VAL B 319 21.29 -8.97 -3.93
CA VAL B 319 21.81 -7.94 -4.82
C VAL B 319 22.71 -6.97 -4.08
N VAL B 320 22.28 -6.48 -2.92
CA VAL B 320 23.04 -5.48 -2.22
C VAL B 320 24.39 -6.05 -1.75
N PRO B 321 24.44 -7.19 -1.08
CA PRO B 321 25.75 -7.76 -0.67
C PRO B 321 26.72 -8.01 -1.84
N VAL B 322 26.21 -8.42 -3.01
CA VAL B 322 27.03 -8.80 -4.14
C VAL B 322 27.44 -7.58 -4.94
N HIS B 323 26.46 -6.86 -5.49
CA HIS B 323 26.72 -5.84 -6.49
C HIS B 323 27.05 -4.50 -5.80
N LEU B 324 26.36 -4.16 -4.72
CA LEU B 324 26.61 -2.84 -4.14
C LEU B 324 27.84 -2.89 -3.24
N ILE B 325 27.83 -3.80 -2.28
CA ILE B 325 28.97 -3.90 -1.38
C ILE B 325 30.20 -4.31 -2.18
N GLY B 326 30.07 -5.32 -3.04
CA GLY B 326 31.20 -5.71 -3.88
C GLY B 326 31.71 -4.59 -4.77
N GLY B 327 30.77 -3.78 -5.26
CA GLY B 327 31.03 -2.68 -6.18
C GLY B 327 31.78 -1.53 -5.47
N ILE B 328 31.32 -1.17 -4.26
CA ILE B 328 31.95 -0.12 -3.45
C ILE B 328 33.33 -0.57 -3.04
N TRP B 329 33.42 -1.83 -2.56
CA TRP B 329 34.70 -2.40 -2.17
C TRP B 329 35.67 -2.39 -3.35
N GLY B 330 35.24 -2.91 -4.53
CA GLY B 330 36.12 -2.90 -5.67
C GLY B 330 36.61 -1.50 -6.06
N THR B 331 35.69 -0.54 -6.07
CA THR B 331 36.00 0.82 -6.50
C THR B 331 37.05 1.48 -5.57
N LEU B 332 36.95 1.23 -4.27
CA LEU B 332 37.90 1.77 -3.29
C LEU B 332 39.21 0.99 -3.34
N ALA B 333 39.10 -0.33 -3.50
CA ALA B 333 40.26 -1.21 -3.49
C ALA B 333 41.22 -0.88 -4.63
N LEU B 334 40.69 -0.32 -5.71
CA LEU B 334 41.54 0.09 -6.81
C LEU B 334 42.68 0.97 -6.26
N ALA B 335 42.36 1.89 -5.34
CA ALA B 335 43.35 2.87 -4.86
C ALA B 335 44.40 2.16 -4.00
N ILE B 336 43.97 1.09 -3.32
CA ILE B 336 44.85 0.36 -2.41
C ILE B 336 45.82 -0.51 -3.18
N PHE B 337 45.38 -1.12 -4.30
CA PHE B 337 46.14 -2.20 -4.89
C PHE B 337 46.64 -1.92 -6.29
N ALA B 338 45.96 -1.12 -7.09
CA ALA B 338 46.36 -0.99 -8.49
C ALA B 338 47.77 -0.40 -8.62
N ASP B 339 48.42 -0.77 -9.73
CA ASP B 339 49.68 -0.19 -10.11
C ASP B 339 49.46 1.30 -10.29
N GLY B 340 50.33 2.11 -9.67
CA GLY B 340 50.19 3.55 -9.67
C GLY B 340 50.31 4.19 -11.05
N GLN B 341 50.93 3.55 -12.02
CA GLN B 341 50.95 4.14 -13.34
C GLN B 341 49.55 4.26 -13.95
N TYR B 342 48.50 3.58 -13.43
CA TYR B 342 47.16 3.75 -13.99
C TYR B 342 46.46 5.00 -13.43
N PHE B 343 47.05 5.66 -12.42
CA PHE B 343 46.47 6.90 -11.89
C PHE B 343 46.95 8.11 -12.69
N ILE B 344 46.23 9.23 -12.62
CA ILE B 344 46.75 10.48 -13.13
C ILE B 344 48.07 10.78 -12.44
N ALA B 345 49.10 11.17 -13.22
CA ALA B 345 50.40 11.50 -12.67
C ALA B 345 50.22 12.45 -11.49
N GLY B 346 50.95 12.19 -10.41
CA GLY B 346 50.87 13.01 -9.23
C GLY B 346 50.10 12.35 -8.11
N ASN B 347 49.15 11.45 -8.44
CA ASN B 347 48.24 10.94 -7.42
C ASN B 347 48.96 9.85 -6.62
N SER B 348 49.08 10.07 -5.30
CA SER B 348 49.37 9.01 -4.36
C SER B 348 48.16 8.05 -4.27
N ARG B 349 48.35 6.92 -3.58
CA ARG B 349 47.23 6.06 -3.25
C ARG B 349 46.14 6.77 -2.45
N VAL B 350 46.53 7.66 -1.52
CA VAL B 350 45.56 8.36 -0.69
C VAL B 350 44.78 9.33 -1.58
N ASP B 351 45.47 10.06 -2.48
CA ASP B 351 44.77 10.96 -3.37
C ASP B 351 43.75 10.18 -4.23
N GLN B 352 44.19 9.07 -4.78
CA GLN B 352 43.31 8.24 -5.61
C GLN B 352 42.15 7.67 -4.81
N PHE B 353 42.39 7.25 -3.56
CA PHE B 353 41.33 6.82 -2.66
C PHE B 353 40.25 7.88 -2.55
N LEU B 354 40.66 9.14 -2.37
CA LEU B 354 39.69 10.18 -2.14
C LEU B 354 38.85 10.39 -3.40
N ILE B 355 39.47 10.28 -4.58
CA ILE B 355 38.71 10.45 -5.83
C ILE B 355 37.76 9.23 -6.04
N GLN B 356 38.21 8.03 -5.67
CA GLN B 356 37.36 6.85 -5.75
C GLN B 356 36.17 7.09 -4.83
N LEU B 357 36.42 7.58 -3.59
CA LEU B 357 35.37 7.77 -2.62
C LEU B 357 34.38 8.80 -3.12
N LEU B 358 34.87 9.86 -3.77
CA LEU B 358 33.96 10.88 -4.30
C LEU B 358 32.98 10.24 -5.29
N GLY B 359 33.50 9.36 -6.16
CA GLY B 359 32.66 8.68 -7.13
C GLY B 359 31.65 7.75 -6.47
N VAL B 360 32.06 7.07 -5.40
CA VAL B 360 31.20 6.20 -4.61
C VAL B 360 30.04 6.99 -4.02
N VAL B 361 30.37 8.15 -3.42
CA VAL B 361 29.35 8.93 -2.74
C VAL B 361 28.43 9.57 -3.77
N THR B 362 28.97 10.08 -4.87
CA THR B 362 28.17 10.66 -5.95
C THR B 362 27.16 9.64 -6.48
N CYS B 363 27.67 8.42 -6.68
CA CYS B 363 26.82 7.33 -7.11
C CYS B 363 25.67 7.07 -6.13
N GLY B 364 25.98 6.94 -4.85
CA GLY B 364 24.95 6.74 -3.84
C GLY B 364 23.90 7.86 -3.82
N ILE B 365 24.37 9.12 -3.76
CA ILE B 365 23.43 10.22 -3.69
C ILE B 365 22.50 10.18 -4.89
N PHE B 366 23.07 9.97 -6.09
CA PHE B 366 22.28 10.03 -7.31
C PHE B 366 21.49 8.73 -7.56
N ALA B 367 22.12 7.56 -7.42
CA ALA B 367 21.46 6.31 -7.83
C ALA B 367 20.62 5.71 -6.70
N PHE B 368 20.88 6.09 -5.43
CA PHE B 368 19.97 5.74 -4.37
C PHE B 368 19.02 6.91 -4.07
N GLY B 369 19.56 8.12 -3.87
CA GLY B 369 18.78 9.27 -3.39
C GLY B 369 17.64 9.65 -4.34
N LEU B 370 17.95 9.88 -5.61
CA LEU B 370 16.91 10.32 -6.52
C LEU B 370 15.89 9.19 -6.77
N PRO B 371 16.28 7.90 -7.00
CA PRO B 371 15.28 6.84 -7.14
C PRO B 371 14.45 6.59 -5.88
N TYR B 372 15.08 6.67 -4.74
CA TYR B 372 14.34 6.50 -3.49
C TYR B 372 13.16 7.50 -3.48
N MET B 373 13.48 8.78 -3.74
N MET B 373 13.47 8.78 -3.74
CA MET B 373 12.47 9.83 -3.75
CA MET B 373 12.45 9.82 -3.73
C MET B 373 11.43 9.60 -4.84
C MET B 373 11.42 9.59 -4.84
N LEU B 374 11.85 9.30 -6.07
CA LEU B 374 10.88 9.13 -7.18
C LEU B 374 9.98 7.91 -7.00
N ILE B 375 10.58 6.80 -6.57
CA ILE B 375 9.87 5.53 -6.43
C ILE B 375 8.91 5.63 -5.24
N ARG B 376 9.32 6.34 -4.19
CA ARG B 376 8.42 6.59 -3.08
C ARG B 376 7.17 7.36 -3.54
N LEU B 377 7.40 8.37 -4.37
CA LEU B 377 6.32 9.16 -4.95
C LEU B 377 5.45 8.29 -5.85
N LEU B 378 6.07 7.51 -6.72
CA LEU B 378 5.29 6.64 -7.59
C LEU B 378 4.43 5.70 -6.75
N ASN B 379 5.02 5.11 -5.70
CA ASN B 379 4.37 4.12 -4.86
C ASN B 379 3.12 4.67 -4.14
N ARG B 380 3.07 5.97 -3.84
CA ARG B 380 1.92 6.57 -3.20
C ARG B 380 0.73 6.64 -4.16
N VAL B 381 0.98 6.90 -5.43
CA VAL B 381 -0.11 6.99 -6.39
C VAL B 381 -0.39 5.66 -7.07
N TYR B 382 0.61 4.76 -7.11
CA TYR B 382 0.55 3.56 -7.92
C TYR B 382 1.28 2.46 -7.15
N PRO B 383 0.58 1.86 -6.16
CA PRO B 383 1.23 0.96 -5.20
C PRO B 383 1.99 -0.16 -5.93
N LEU B 384 3.25 -0.34 -5.58
CA LEU B 384 4.15 -1.23 -6.33
C LEU B 384 4.16 -2.66 -5.78
N ARG B 385 3.78 -2.83 -4.51
CA ARG B 385 3.69 -4.16 -3.95
C ARG B 385 2.39 -4.85 -4.36
N VAL B 386 2.45 -6.15 -4.62
CA VAL B 386 1.25 -6.91 -4.92
C VAL B 386 0.36 -6.98 -3.67
N SER B 387 -0.90 -7.29 -3.90
CA SER B 387 -1.87 -7.51 -2.82
C SER B 387 -1.45 -8.73 -2.01
N PRO B 388 -1.83 -8.81 -0.73
CA PRO B 388 -1.52 -9.99 0.09
C PRO B 388 -2.03 -11.30 -0.49
N ARG B 389 -3.21 -11.29 -1.14
CA ARG B 389 -3.70 -12.51 -1.75
C ARG B 389 -2.71 -12.98 -2.84
N VAL B 390 -2.28 -12.04 -3.68
CA VAL B 390 -1.38 -12.37 -4.78
C VAL B 390 -0.04 -12.88 -4.25
N GLU B 391 0.48 -12.28 -3.21
CA GLU B 391 1.74 -12.71 -2.64
C GLU B 391 1.62 -14.13 -2.11
N ILE B 392 0.51 -14.44 -1.43
CA ILE B 392 0.35 -15.75 -0.81
C ILE B 392 0.10 -16.81 -1.87
N LEU B 393 -0.79 -16.54 -2.82
CA LEU B 393 -1.06 -17.49 -3.87
C LEU B 393 0.15 -17.60 -4.82
N GLY B 394 0.92 -16.53 -4.96
CA GLY B 394 2.04 -16.44 -5.87
C GLY B 394 1.73 -15.61 -7.12
N LEU B 395 2.73 -14.87 -7.55
CA LEU B 395 2.65 -13.94 -8.66
C LEU B 395 2.47 -14.65 -9.98
N ASN B 396 2.50 -16.02 -10.00
CA ASN B 396 2.13 -16.84 -11.16
C ASN B 396 0.60 -16.97 -11.38
N PHE B 397 -0.15 -17.45 -10.36
CA PHE B 397 -1.59 -17.60 -10.46
C PHE B 397 -2.24 -16.23 -10.20
N GLY B 398 -1.80 -15.62 -9.11
CA GLY B 398 -2.41 -14.39 -8.65
C GLY B 398 -2.34 -13.34 -9.73
N GLU B 399 -1.26 -13.33 -10.50
CA GLU B 399 -1.02 -12.16 -11.32
C GLU B 399 -1.17 -12.55 -12.78
N PHE B 400 -0.62 -13.72 -13.23
CA PHE B 400 -0.51 -14.10 -14.64
C PHE B 400 -1.51 -15.21 -15.01
N GLY B 401 -2.41 -15.59 -14.06
CA GLY B 401 -3.57 -16.47 -14.23
C GLY B 401 -3.17 -17.83 -14.75
CL CL C . -37.90 4.30 25.87
C1B LMT D . 18.75 17.71 -30.77
C2B LMT D . 19.55 18.52 -31.77
C3B LMT D . 19.81 19.91 -31.23
C4B LMT D . 20.19 19.97 -29.74
C5B LMT D . 19.92 18.69 -28.87
C6B LMT D . 18.82 18.88 -27.84
O1B LMT D . 18.40 16.49 -31.38
O2B LMT D . 20.76 17.84 -32.07
O3B LMT D . 18.65 20.73 -31.48
O4' LMT D . 21.59 20.25 -29.62
O5B LMT D . 19.57 17.51 -29.62
O6B LMT D . 18.41 20.25 -27.73
C1' LMT D . 15.93 13.40 -29.97
C2' LMT D . 15.87 13.75 -31.44
C3' LMT D . 17.11 14.50 -31.85
C4' LMT D . 17.12 15.86 -31.16
C5' LMT D . 16.84 15.74 -29.65
C6' LMT D . 15.60 16.49 -29.21
O1' LMT D . 14.63 13.34 -29.48
O2' LMT D . 15.64 12.53 -32.15
O3' LMT D . 17.14 14.62 -33.27
O5' LMT D . 16.69 14.34 -29.20
O6' LMT D . 15.40 16.37 -27.81
C1 LMT D . 14.08 12.02 -29.49
C2 LMT D . 14.39 11.47 -28.17
C3 LMT D . 13.19 10.90 -27.47
C4 LMT D . 12.55 9.78 -28.23
C5 LMT D . 12.71 8.46 -27.58
C6 LMT D . 11.77 8.21 -26.43
C7 LMT D . 10.75 7.12 -26.70
C8 LMT D . 10.49 6.20 -25.51
C9 LMT D . 11.00 4.80 -25.69
C10 LMT D . 10.89 3.94 -24.45
C11 LMT D . 9.52 3.52 -24.04
C12 LMT D . 8.81 4.43 -23.06
C1B LMT E . 20.17 11.17 -37.27
C2B LMT E . 21.41 10.28 -37.44
C3B LMT E . 21.49 9.32 -36.24
C4B LMT E . 21.68 10.16 -34.99
C5B LMT E . 20.42 11.08 -34.86
C6B LMT E . 20.44 12.03 -33.69
O1B LMT E . 18.98 10.39 -37.25
O2B LMT E . 21.39 9.61 -38.69
O3B LMT E . 22.55 8.39 -36.43
O4' LMT E . 21.88 9.31 -33.86
O5B LMT E . 20.29 11.91 -36.06
O6B LMT E . 21.77 12.43 -33.37
C1' LMT E . 15.37 9.39 -36.35
C2' LMT E . 16.15 9.10 -37.62
C3' LMT E . 16.77 10.37 -38.21
C4' LMT E . 17.70 11.05 -37.21
C5' LMT E . 17.08 11.00 -35.80
C6' LMT E . 17.21 12.31 -35.06
O1' LMT E . 13.99 9.25 -36.61
O2' LMT E . 17.18 8.15 -37.38
O3' LMT E . 15.74 11.27 -38.61
O5' LMT E . 15.64 10.70 -35.90
O6' LMT E . 17.34 12.10 -33.68
C1 LMT E . 13.12 9.04 -35.48
C2 LMT E . 13.17 7.59 -35.02
C3 LMT E . 12.17 6.68 -35.71
C4 LMT E . 12.28 5.22 -35.26
C5 LMT E . 11.11 4.69 -34.48
C6 LMT E . 11.27 3.31 -33.91
C7 LMT E . 10.99 2.20 -34.85
C8 LMT E . 9.55 1.95 -35.11
C9 LMT E . 8.86 1.18 -34.03
C10 LMT E . 8.81 -0.30 -34.23
C11 LMT E . 7.43 -0.96 -34.29
C12 LMT E . 6.86 -1.09 -35.68
CL CL F . 8.77 -12.28 -8.36
#